data_6M2M
#
_entry.id   6M2M
#
_cell.length_a   167.361
_cell.length_b   116.336
_cell.length_c   101.904
_cell.angle_alpha   90.000
_cell.angle_beta   114.980
_cell.angle_gamma   90.000
#
_symmetry.space_group_name_H-M   'C 1 2 1'
#
loop_
_entity.id
_entity.type
_entity.pdbx_description
1 polymer 'Probable histone H2A.3'
2 polymer 'Histone H2B.1'
3 polymer 'Expressed protein'
4 non-polymer GLYCEROL
5 water water
#
loop_
_entity_poly.entity_id
_entity_poly.type
_entity_poly.pdbx_seq_one_letter_code
_entity_poly.pdbx_strand_id
1 'polypeptide(L)'
;KKSTSRSSKAGLQFPVGRIARFLKAGKYAERVGAGAPVYLAAVLEYLAAEVLELAGNAARDNKKTRIVPRHIQLAVRNDE
ELSKLLGDVTIAN
;
E,A,C,G,I,K
2 'polypeptide(L)'
;KKRSKKNVETYKIYIFKVLKQVHPDIGISSKAMGIMNSFINDIFEKLAQESSKLARYNKKPTITSREIQTAVRLVLPGEL
AKHAVSEGTKAVTKFTSS
;
D,F,J,H,L,B
3 'polypeptide(L)'
;ILEKEGLSTNPSEKEIKAVKKRKERAKELEGIDMSNIITSSRRRSTSNFIPLPTPKIVADSDEDDEEDAEDDNDEEVNVE
GGDEGDNDVGKAGDGSADDAEHDSD
;
M,N,O
#
# COMPACT_ATOMS: atom_id res chain seq x y z
N THR A 4 23.12 11.29 9.33
CA THR A 4 22.43 10.07 9.70
C THR A 4 21.94 9.37 8.44
N SER A 5 22.76 8.47 7.94
CA SER A 5 22.53 7.75 6.69
C SER A 5 21.26 6.91 6.66
N ARG A 6 20.92 6.37 7.81
CA ARG A 6 19.74 5.55 7.95
C ARG A 6 18.46 6.29 8.29
N SER A 7 18.46 7.62 8.25
CA SER A 7 17.26 8.42 8.51
C SER A 7 16.45 8.34 7.24
N SER A 8 17.12 8.63 6.13
CA SER A 8 16.59 8.41 4.80
C SER A 8 16.03 7.00 4.58
N LYS A 9 16.80 5.97 5.00
CA LYS A 9 16.40 4.55 4.90
C LYS A 9 15.07 4.17 5.60
N ALA A 10 14.69 4.91 6.65
CA ALA A 10 13.42 4.76 7.41
C ALA A 10 12.23 5.61 6.90
N GLY A 11 12.53 6.64 6.10
CA GLY A 11 11.54 7.55 5.49
C GLY A 11 11.36 8.83 6.27
N LEU A 12 12.46 9.40 6.77
CA LEU A 12 12.43 10.36 7.87
C LEU A 12 13.33 11.56 7.66
N GLN A 13 12.84 12.73 8.08
CA GLN A 13 13.64 13.93 8.25
C GLN A 13 14.37 13.99 9.60
N PHE A 14 13.84 13.35 10.63
CA PHE A 14 14.44 13.48 11.98
C PHE A 14 15.67 12.60 12.09
N PRO A 15 16.65 12.97 12.93
CA PRO A 15 17.96 12.33 12.96
C PRO A 15 18.03 11.07 13.85
N VAL A 16 17.96 9.91 13.18
CA VAL A 16 17.99 8.62 13.85
C VAL A 16 19.29 8.40 14.67
N GLY A 17 20.39 8.99 14.20
CA GLY A 17 21.70 8.75 14.76
C GLY A 17 21.74 9.46 16.07
N ARG A 18 21.49 10.76 16.02
CA ARG A 18 21.46 11.60 17.20
C ARG A 18 20.46 11.05 18.24
N ILE A 19 19.33 10.53 17.81
CA ILE A 19 18.36 10.06 18.78
C ILE A 19 18.89 8.81 19.47
N ALA A 20 19.55 7.97 18.68
CA ALA A 20 20.23 6.80 19.20
C ALA A 20 21.32 7.23 20.17
N ARG A 21 22.11 8.22 19.75
CA ARG A 21 23.11 8.83 20.60
C ARG A 21 22.53 9.35 21.92
N PHE A 22 21.49 10.20 21.84
CA PHE A 22 20.78 10.69 23.04
C PHE A 22 20.27 9.62 24.01
N LEU A 23 19.90 8.45 23.47
CA LEU A 23 19.40 7.37 24.31
C LEU A 23 20.48 6.71 25.18
N LYS A 24 21.65 6.53 24.59
CA LYS A 24 22.83 6.02 25.32
C LYS A 24 23.44 7.13 26.16
N ALA A 25 23.70 8.27 25.51
CA ALA A 25 24.16 9.48 26.19
C ALA A 25 23.37 9.79 27.48
N GLY A 26 22.05 9.68 27.43
CA GLY A 26 21.23 10.07 28.59
C GLY A 26 21.11 9.03 29.69
N LYS A 27 21.85 7.92 29.58
CA LYS A 27 21.86 6.82 30.57
C LYS A 27 20.46 6.20 30.77
N TYR A 28 19.68 6.09 29.68
CA TYR A 28 18.32 5.52 29.74
C TYR A 28 18.42 4.00 29.61
N ALA A 29 19.43 3.55 28.89
CA ALA A 29 19.82 2.17 28.91
C ALA A 29 21.26 2.04 28.40
N GLU A 30 21.93 0.93 28.74
CA GLU A 30 23.27 0.66 28.21
C GLU A 30 23.13 0.34 26.74
N ARG A 31 22.34 -0.71 26.50
CA ARG A 31 22.14 -1.29 25.17
C ARG A 31 20.83 -0.78 24.61
N VAL A 32 20.83 -0.47 23.32
CA VAL A 32 19.63 0.00 22.64
C VAL A 32 19.54 -0.69 21.29
N GLY A 33 18.45 -1.39 21.01
CA GLY A 33 18.24 -2.05 19.70
C GLY A 33 18.09 -1.03 18.61
N ALA A 34 18.51 -1.37 17.40
CA ALA A 34 18.44 -0.42 16.27
C ALA A 34 17.02 -0.03 15.86
N GLY A 35 16.04 -0.84 16.22
CA GLY A 35 14.65 -0.45 16.05
C GLY A 35 14.19 0.80 16.80
N ALA A 36 14.67 0.96 18.05
CA ALA A 36 14.18 2.04 18.94
C ALA A 36 14.39 3.46 18.41
N PRO A 37 15.65 3.87 18.19
CA PRO A 37 15.79 5.23 17.69
C PRO A 37 15.09 5.49 16.34
N VAL A 38 15.03 4.50 15.45
CA VAL A 38 14.21 4.65 14.24
C VAL A 38 12.76 4.92 14.61
N TYR A 39 12.21 4.06 15.46
CA TYR A 39 10.80 4.16 15.88
C TYR A 39 10.48 5.52 16.51
N LEU A 40 11.36 5.93 17.40
CA LEU A 40 11.20 7.15 18.18
C LEU A 40 11.35 8.40 17.33
N ALA A 41 12.29 8.40 16.39
CA ALA A 41 12.41 9.50 15.47
C ALA A 41 11.13 9.68 14.69
N ALA A 42 10.57 8.58 14.19
CA ALA A 42 9.29 8.65 13.48
C ALA A 42 8.14 9.27 14.33
N VAL A 43 8.06 8.88 15.59
CA VAL A 43 7.06 9.41 16.51
C VAL A 43 7.20 10.89 16.73
N LEU A 44 8.45 11.33 16.94
CA LEU A 44 8.75 12.73 17.13
C LEU A 44 8.51 13.54 15.87
N GLU A 45 8.76 12.98 14.71
CA GLU A 45 8.40 13.65 13.48
C GLU A 45 6.90 13.71 13.30
N TYR A 46 6.19 12.68 13.73
CA TYR A 46 4.73 12.60 13.49
C TYR A 46 4.06 13.74 14.29
N LEU A 47 4.42 13.78 15.57
CA LEU A 47 4.05 14.85 16.49
C LEU A 47 4.41 16.29 16.02
N ALA A 48 5.66 16.48 15.60
CA ALA A 48 6.10 17.71 15.00
C ALA A 48 5.19 18.10 13.83
N ALA A 49 4.94 17.17 12.93
CA ALA A 49 4.14 17.49 11.79
C ALA A 49 2.66 17.72 12.16
N GLU A 50 2.11 16.97 13.09
CA GLU A 50 0.71 17.22 13.56
C GLU A 50 0.48 18.61 14.15
N VAL A 51 1.36 19.02 15.04
CA VAL A 51 1.30 20.32 15.69
C VAL A 51 1.53 21.42 14.65
N LEU A 52 2.44 21.18 13.71
CA LEU A 52 2.82 22.20 12.73
C LEU A 52 1.75 22.37 11.67
N GLU A 53 1.12 21.26 11.21
CA GLU A 53 -0.07 21.36 10.35
C GLU A 53 -1.11 22.22 11.03
N LEU A 54 -1.41 21.94 12.28
CA LEU A 54 -2.49 22.66 12.92
C LEU A 54 -2.16 24.11 13.19
N ALA A 55 -0.94 24.39 13.61
CA ALA A 55 -0.53 25.80 13.84
C ALA A 55 -0.48 26.59 12.53
N GLY A 56 -0.04 25.99 11.44
CA GLY A 56 -0.14 26.66 10.15
C GLY A 56 -1.60 26.96 9.76
N ASN A 57 -2.48 25.98 9.95
CA ASN A 57 -3.88 26.14 9.63
C ASN A 57 -4.46 27.32 10.48
N ALA A 58 -3.98 27.42 11.71
CA ALA A 58 -4.36 28.49 12.62
C ALA A 58 -3.92 29.84 12.09
N ALA A 59 -2.67 29.92 11.68
CA ALA A 59 -2.11 31.12 11.08
C ALA A 59 -2.93 31.54 9.87
N ARG A 60 -3.20 30.67 8.92
CA ARG A 60 -3.95 31.04 7.77
C ARG A 60 -5.31 31.48 8.11
N ASP A 61 -5.97 30.74 8.95
CA ASP A 61 -7.32 31.11 9.38
C ASP A 61 -7.33 32.52 9.99
N ASN A 62 -6.22 32.92 10.56
CA ASN A 62 -6.01 34.25 11.10
C ASN A 62 -5.30 35.21 10.11
N LYS A 63 -5.36 34.91 8.81
CA LYS A 63 -4.67 35.67 7.75
C LYS A 63 -3.16 36.01 7.94
N LYS A 64 -2.38 35.13 8.56
CA LYS A 64 -0.95 35.29 8.55
C LYS A 64 -0.33 34.27 7.66
N THR A 65 0.94 34.52 7.28
CA THR A 65 1.76 33.58 6.55
C THR A 65 2.95 33.21 7.41
N ARG A 66 2.86 33.39 8.72
CA ARG A 66 3.96 32.98 9.59
C ARG A 66 3.49 32.61 11.01
N ILE A 67 3.96 31.45 11.47
CA ILE A 67 3.54 30.89 12.74
C ILE A 67 4.18 31.66 13.90
N VAL A 68 3.38 32.01 14.90
CA VAL A 68 3.87 32.64 16.15
C VAL A 68 3.30 31.86 17.38
N PRO A 69 3.85 32.09 18.57
CA PRO A 69 3.37 31.30 19.68
C PRO A 69 1.80 31.21 19.88
N ARG A 70 1.08 32.30 19.72
CA ARG A 70 -0.36 32.24 19.85
C ARG A 70 -0.92 31.16 18.95
N HIS A 71 -0.57 31.16 17.66
CA HIS A 71 -1.06 30.13 16.72
C HIS A 71 -0.86 28.69 17.23
N ILE A 72 0.29 28.45 17.84
CA ILE A 72 0.58 27.11 18.37
C ILE A 72 -0.38 26.78 19.54
N GLN A 73 -0.59 27.74 20.40
CA GLN A 73 -1.42 27.57 21.58
C GLN A 73 -2.83 27.25 21.23
N LEU A 74 -3.35 27.94 20.24
CA LEU A 74 -4.69 27.74 19.76
C LEU A 74 -4.83 26.41 19.16
N ALA A 75 -3.84 26.02 18.40
CA ALA A 75 -3.88 24.75 17.75
C ALA A 75 -3.98 23.65 18.74
N VAL A 76 -3.17 23.70 19.78
CA VAL A 76 -3.20 22.70 20.81
C VAL A 76 -4.46 22.73 21.63
N ARG A 77 -4.98 23.92 21.91
CA ARG A 77 -6.19 24.03 22.67
C ARG A 77 -7.36 23.43 22.00
N ASN A 78 -7.45 23.67 20.73
CA ASN A 78 -8.58 23.25 19.97
C ASN A 78 -8.53 21.81 19.48
N ASP A 79 -7.48 21.06 19.79
CA ASP A 79 -7.39 19.66 19.44
C ASP A 79 -7.61 18.84 20.69
N GLU A 80 -8.51 17.88 20.66
CA GLU A 80 -8.78 17.11 21.84
C GLU A 80 -7.63 16.29 22.37
N GLU A 81 -6.93 15.59 21.52
CA GLU A 81 -5.78 14.85 21.93
C GLU A 81 -4.51 15.59 22.27
N LEU A 82 -4.18 16.62 21.51
CA LEU A 82 -2.93 17.33 21.72
C LEU A 82 -2.78 18.01 23.04
N SER A 83 -3.88 18.52 23.53
CA SER A 83 -3.94 19.18 24.80
C SER A 83 -3.55 18.26 25.90
N LYS A 84 -3.98 17.02 25.80
CA LYS A 84 -3.72 15.97 26.82
C LYS A 84 -2.27 15.65 26.92
N LEU A 85 -1.57 15.69 25.81
CA LEU A 85 -0.12 15.44 25.73
C LEU A 85 0.70 16.57 26.36
N LEU A 86 0.45 17.77 25.85
CA LEU A 86 1.12 18.99 26.22
C LEU A 86 0.55 19.79 27.35
N GLY A 87 -0.73 20.08 27.29
CA GLY A 87 -1.38 20.88 28.29
C GLY A 87 -1.71 22.19 27.63
N ASP A 88 -1.65 23.27 28.36
CA ASP A 88 -1.92 24.54 27.76
C ASP A 88 -0.57 25.00 27.30
N VAL A 89 -0.48 25.48 26.09
CA VAL A 89 0.78 25.95 25.62
C VAL A 89 0.95 27.28 26.24
N THR A 90 2.14 27.56 26.69
CA THR A 90 2.38 28.81 27.37
C THR A 90 3.17 29.84 26.57
N ILE A 91 2.51 30.97 26.33
CA ILE A 91 3.05 32.11 25.60
C ILE A 91 3.81 33.00 26.60
N THR B 4 -6.12 -27.25 2.97
CA THR B 4 -6.80 -25.91 2.92
C THR B 4 -6.06 -24.87 3.76
N SER B 5 -6.05 -23.64 3.27
CA SER B 5 -5.24 -22.56 3.81
C SER B 5 -6.05 -21.27 3.88
N ARG B 6 -7.35 -21.37 4.09
CA ARG B 6 -8.20 -20.20 3.99
C ARG B 6 -7.81 -19.08 4.90
N SER B 7 -7.41 -19.42 6.11
CA SER B 7 -6.98 -18.44 7.09
C SER B 7 -5.75 -17.70 6.67
N SER B 8 -4.78 -18.43 6.16
CA SER B 8 -3.53 -17.85 5.71
C SER B 8 -3.73 -16.98 4.51
N LYS B 9 -4.63 -17.41 3.65
CA LYS B 9 -4.96 -16.70 2.46
C LYS B 9 -5.52 -15.36 2.82
N ALA B 10 -6.31 -15.33 3.87
CA ALA B 10 -6.88 -14.05 4.37
C ALA B 10 -5.90 -13.19 5.24
N GLY B 11 -4.72 -13.71 5.55
CA GLY B 11 -3.71 -13.03 6.37
C GLY B 11 -3.91 -13.20 7.87
N LEU B 12 -4.46 -14.33 8.29
CA LEU B 12 -4.94 -14.48 9.64
C LEU B 12 -4.25 -15.59 10.43
N GLN B 13 -4.36 -15.46 11.75
CA GLN B 13 -4.06 -16.52 12.71
C GLN B 13 -5.33 -17.22 13.23
N PHE B 14 -6.46 -16.51 13.23
CA PHE B 14 -7.73 -17.07 13.72
C PHE B 14 -8.29 -18.00 12.66
N PRO B 15 -9.15 -18.97 13.06
CA PRO B 15 -9.55 -20.09 12.20
C PRO B 15 -10.84 -19.87 11.39
N VAL B 16 -10.67 -19.41 10.16
CA VAL B 16 -11.80 -19.06 9.26
C VAL B 16 -12.78 -20.24 9.09
N GLY B 17 -12.24 -21.45 9.08
CA GLY B 17 -13.03 -22.65 8.85
C GLY B 17 -13.95 -22.86 10.00
N ARG B 18 -13.40 -22.99 11.18
CA ARG B 18 -14.18 -23.25 12.35
C ARG B 18 -15.20 -22.18 12.55
N ILE B 19 -14.83 -20.95 12.27
CA ILE B 19 -15.76 -19.86 12.42
C ILE B 19 -16.93 -20.00 11.51
N ALA B 20 -16.70 -20.42 10.28
CA ALA B 20 -17.76 -20.67 9.32
C ALA B 20 -18.66 -21.77 9.81
N ARG B 21 -18.05 -22.80 10.37
CA ARG B 21 -18.79 -23.89 10.91
C ARG B 21 -19.68 -23.43 12.05
N PHE B 22 -19.18 -22.57 12.92
CA PHE B 22 -19.98 -22.07 14.02
C PHE B 22 -21.16 -21.31 13.52
N LEU B 23 -20.95 -20.55 12.48
CA LEU B 23 -22.03 -19.80 11.89
C LEU B 23 -23.18 -20.67 11.39
N LYS B 24 -22.85 -21.81 10.78
CA LYS B 24 -23.87 -22.79 10.33
C LYS B 24 -24.30 -23.72 11.48
N ALA B 25 -23.31 -24.31 12.15
CA ALA B 25 -23.58 -25.14 13.33
C ALA B 25 -24.56 -24.41 14.25
N GLY B 26 -24.31 -23.15 14.55
CA GLY B 26 -25.17 -22.41 15.48
C GLY B 26 -26.55 -22.01 14.96
N LYS B 27 -26.83 -22.34 13.72
CA LYS B 27 -28.12 -22.01 13.12
C LYS B 27 -28.39 -20.53 12.99
N TYR B 28 -27.35 -19.74 12.81
CA TYR B 28 -27.49 -18.31 12.60
C TYR B 28 -28.15 -18.03 11.28
N ALA B 29 -27.78 -18.83 10.28
CA ALA B 29 -28.35 -18.81 8.96
C ALA B 29 -28.08 -20.14 8.29
N GLU B 30 -28.89 -20.52 7.31
CA GLU B 30 -28.67 -21.79 6.54
C GLU B 30 -27.49 -21.61 5.63
N ARG B 31 -27.51 -20.49 4.92
CA ARG B 31 -26.46 -20.16 3.98
C ARG B 31 -25.57 -19.08 4.49
N VAL B 32 -24.29 -19.26 4.30
CA VAL B 32 -23.29 -18.30 4.69
C VAL B 32 -22.34 -18.08 3.50
N GLY B 33 -22.17 -16.83 3.06
CA GLY B 33 -21.20 -16.45 2.00
C GLY B 33 -19.79 -16.64 2.47
N ALA B 34 -18.87 -16.91 1.54
CA ALA B 34 -17.48 -17.20 1.93
C ALA B 34 -16.78 -16.04 2.55
N GLY B 35 -17.21 -14.83 2.22
CA GLY B 35 -16.64 -13.63 2.80
C GLY B 35 -16.89 -13.48 4.29
N ALA B 36 -18.09 -13.85 4.74
CA ALA B 36 -18.47 -13.70 6.16
C ALA B 36 -17.48 -14.28 7.20
N PRO B 37 -17.28 -15.60 7.23
CA PRO B 37 -16.28 -16.13 8.16
C PRO B 37 -14.85 -15.59 7.98
N VAL B 38 -14.48 -15.18 6.77
CA VAL B 38 -13.21 -14.47 6.62
C VAL B 38 -13.24 -13.14 7.38
N TYR B 39 -14.25 -12.34 7.07
CA TYR B 39 -14.42 -11.03 7.67
C TYR B 39 -14.49 -11.12 9.22
N LEU B 40 -15.25 -12.09 9.71
CA LEU B 40 -15.58 -12.16 11.12
C LEU B 40 -14.38 -12.61 11.91
N ALA B 41 -13.65 -13.57 11.38
CA ALA B 41 -12.35 -13.98 11.95
C ALA B 41 -11.37 -12.82 12.02
N ALA B 42 -11.32 -12.02 10.96
CA ALA B 42 -10.40 -10.90 10.96
C ALA B 42 -10.69 -9.86 12.10
N VAL B 43 -11.98 -9.67 12.38
CA VAL B 43 -12.46 -8.75 13.35
C VAL B 43 -12.20 -9.29 14.75
N LEU B 44 -12.42 -10.59 14.92
CA LEU B 44 -12.13 -11.25 16.19
C LEU B 44 -10.64 -11.22 16.49
N GLU B 45 -9.80 -11.38 15.47
CA GLU B 45 -8.37 -11.25 15.67
C GLU B 45 -8.03 -9.85 16.06
N TYR B 46 -8.67 -8.87 15.42
CA TYR B 46 -8.29 -7.48 15.61
C TYR B 46 -8.50 -7.17 17.10
N LEU B 47 -9.70 -7.52 17.58
CA LEU B 47 -10.10 -7.25 18.94
C LEU B 47 -9.22 -7.99 19.93
N ALA B 48 -8.94 -9.27 19.65
CA ALA B 48 -8.03 -10.01 20.45
C ALA B 48 -6.66 -9.30 20.57
N ALA B 49 -6.10 -8.87 19.45
CA ALA B 49 -4.80 -8.19 19.48
C ALA B 49 -4.87 -6.84 20.18
N GLU B 50 -5.94 -6.07 19.99
CA GLU B 50 -6.06 -4.78 20.72
C GLU B 50 -6.08 -4.96 22.23
N VAL B 51 -6.86 -5.92 22.70
CA VAL B 51 -6.88 -6.25 24.12
C VAL B 51 -5.52 -6.76 24.60
N LEU B 52 -4.89 -7.65 23.84
CA LEU B 52 -3.64 -8.25 24.29
C LEU B 52 -2.50 -7.25 24.31
N GLU B 53 -2.48 -6.31 23.34
CA GLU B 53 -1.48 -5.21 23.35
C GLU B 53 -1.63 -4.37 24.62
N LEU B 54 -2.86 -3.96 24.90
CA LEU B 54 -3.09 -3.12 26.06
C LEU B 54 -2.81 -3.87 27.36
N ALA B 55 -3.28 -5.12 27.46
CA ALA B 55 -3.09 -5.91 28.66
C ALA B 55 -1.63 -6.21 28.88
N GLY B 56 -0.90 -6.46 27.82
CA GLY B 56 0.56 -6.62 27.95
C GLY B 56 1.27 -5.33 28.37
N ASN B 57 0.91 -4.22 27.73
CA ASN B 57 1.49 -2.91 28.07
C ASN B 57 1.18 -2.58 29.57
N ALA B 58 0.00 -2.98 30.05
CA ALA B 58 -0.35 -2.86 31.44
C ALA B 58 0.61 -3.65 32.29
N ALA B 59 0.81 -4.91 31.90
CA ALA B 59 1.69 -5.80 32.62
C ALA B 59 3.10 -5.22 32.72
N ARG B 60 3.69 -4.76 31.64
CA ARG B 60 5.01 -4.20 31.73
C ARG B 60 5.08 -2.97 32.57
N ASP B 61 4.15 -2.07 32.35
CA ASP B 61 4.11 -0.81 33.13
C ASP B 61 4.07 -1.12 34.62
N ASN B 62 3.46 -2.26 34.95
CA ASN B 62 3.34 -2.77 36.29
C ASN B 62 4.47 -3.80 36.61
N LYS B 63 5.60 -3.69 35.93
CA LYS B 63 6.79 -4.52 36.14
C LYS B 63 6.65 -6.05 36.11
N LYS B 64 5.68 -6.57 35.36
CA LYS B 64 5.51 -8.02 35.18
C LYS B 64 5.89 -8.50 33.77
N THR B 65 6.06 -9.81 33.62
CA THR B 65 6.26 -10.43 32.32
C THR B 65 5.20 -11.48 32.04
N ARG B 66 4.03 -11.34 32.64
CA ARG B 66 2.98 -12.30 32.45
C ARG B 66 1.64 -11.65 32.79
N ILE B 67 0.72 -11.78 31.87
CA ILE B 67 -0.54 -11.13 31.95
C ILE B 67 -1.39 -11.88 32.96
N VAL B 68 -2.10 -11.17 33.83
CA VAL B 68 -3.09 -11.76 34.77
C VAL B 68 -4.44 -10.97 34.64
N PRO B 69 -5.53 -11.50 35.18
CA PRO B 69 -6.82 -10.81 35.05
C PRO B 69 -6.84 -9.27 35.30
N ARG B 70 -6.17 -8.85 36.36
CA ARG B 70 -6.11 -7.45 36.70
C ARG B 70 -5.64 -6.63 35.52
N HIS B 71 -4.55 -7.06 34.86
CA HIS B 71 -3.98 -6.29 33.73
C HIS B 71 -4.96 -6.11 32.62
N ILE B 72 -5.69 -7.18 32.31
CA ILE B 72 -6.76 -7.12 31.31
C ILE B 72 -7.85 -6.08 31.72
N GLN B 73 -8.24 -6.10 32.97
CA GLN B 73 -9.25 -5.20 33.47
C GLN B 73 -8.87 -3.76 33.40
N LEU B 74 -7.62 -3.47 33.72
CA LEU B 74 -7.07 -2.15 33.65
C LEU B 74 -6.95 -1.72 32.27
N ALA B 75 -6.61 -2.62 31.39
CA ALA B 75 -6.48 -2.27 30.01
C ALA B 75 -7.79 -1.81 29.43
N VAL B 76 -8.86 -2.50 29.74
CA VAL B 76 -10.18 -2.18 29.19
C VAL B 76 -10.82 -0.94 29.86
N ARG B 77 -10.64 -0.84 31.16
CA ARG B 77 -11.09 0.27 31.93
C ARG B 77 -10.44 1.60 31.51
N ASN B 78 -9.20 1.59 31.07
CA ASN B 78 -8.59 2.86 30.61
C ASN B 78 -8.59 3.06 29.11
N ASP B 79 -9.40 2.33 28.37
CA ASP B 79 -9.51 2.53 26.96
C ASP B 79 -10.89 3.02 26.78
N GLU B 80 -11.07 4.13 26.10
CA GLU B 80 -12.40 4.66 25.93
C GLU B 80 -13.28 3.75 25.13
N GLU B 81 -12.79 3.24 24.03
CA GLU B 81 -13.59 2.34 23.24
C GLU B 81 -13.84 0.96 23.83
N LEU B 82 -12.82 0.33 24.36
CA LEU B 82 -12.97 -1.05 24.80
C LEU B 82 -13.97 -1.32 25.87
N SER B 83 -14.10 -0.40 26.78
CA SER B 83 -15.04 -0.54 27.87
C SER B 83 -16.43 -0.64 27.36
N LYS B 84 -16.74 0.13 26.33
CA LYS B 84 -18.09 0.20 25.73
C LYS B 84 -18.57 -1.12 25.24
N LEU B 85 -17.65 -1.90 24.74
CA LEU B 85 -17.90 -3.24 24.17
C LEU B 85 -18.17 -4.28 25.24
N LEU B 86 -17.21 -4.32 26.17
CA LEU B 86 -17.10 -5.36 27.18
C LEU B 86 -18.02 -5.07 28.36
N GLY B 87 -17.86 -3.86 28.91
CA GLY B 87 -18.32 -3.49 30.25
C GLY B 87 -17.06 -3.52 31.08
N ASP B 88 -17.17 -3.31 32.37
CA ASP B 88 -16.03 -3.53 33.25
C ASP B 88 -15.72 -5.04 33.30
N VAL B 89 -14.49 -5.42 33.01
CA VAL B 89 -14.05 -6.83 33.13
C VAL B 89 -14.09 -7.30 34.59
N THR B 90 -14.51 -8.54 34.77
CA THR B 90 -14.72 -9.12 36.09
C THR B 90 -13.54 -9.94 36.58
N ILE B 91 -13.10 -9.60 37.78
CA ILE B 91 -11.94 -10.16 38.45
C ILE B 91 -10.74 -9.91 37.57
N THR C 4 -11.75 14.80 -20.26
CA THR C 4 -12.49 13.53 -19.97
C THR C 4 -11.67 12.67 -19.03
N SER C 5 -12.34 11.89 -18.21
CA SER C 5 -11.71 10.92 -17.30
C SER C 5 -10.88 11.44 -16.15
N ARG C 6 -11.02 12.69 -15.80
CA ARG C 6 -10.24 13.19 -14.70
C ARG C 6 -10.60 12.49 -13.41
N SER C 7 -11.90 12.28 -13.17
CA SER C 7 -12.37 11.65 -11.94
C SER C 7 -11.89 10.25 -11.85
N SER C 8 -12.10 9.52 -12.93
CA SER C 8 -11.58 8.16 -13.04
C SER C 8 -10.08 8.04 -12.68
N LYS C 9 -9.27 8.98 -13.21
CA LYS C 9 -7.83 9.09 -12.90
C LYS C 9 -7.48 9.30 -11.41
N ALA C 10 -8.38 9.96 -10.65
CA ALA C 10 -8.24 10.15 -9.19
C ALA C 10 -8.93 9.07 -8.28
N GLY C 11 -9.48 8.02 -8.89
CA GLY C 11 -10.14 6.92 -8.18
C GLY C 11 -11.53 7.24 -7.65
N LEU C 12 -12.29 7.99 -8.43
CA LEU C 12 -13.49 8.65 -7.94
C LEU C 12 -14.72 8.38 -8.78
N GLN C 13 -15.86 8.41 -8.10
CA GLN C 13 -17.17 8.49 -8.70
C GLN C 13 -17.71 9.93 -8.76
N PHE C 14 -17.20 10.83 -7.92
CA PHE C 14 -17.71 12.22 -7.91
C PHE C 14 -17.07 12.99 -9.08
N PRO C 15 -17.74 14.05 -9.58
CA PRO C 15 -17.37 14.68 -10.86
C PRO C 15 -16.35 15.83 -10.70
N VAL C 16 -15.07 15.48 -10.79
CA VAL C 16 -13.97 16.46 -10.64
C VAL C 16 -14.13 17.74 -11.50
N GLY C 17 -14.66 17.56 -12.71
CA GLY C 17 -14.70 18.61 -13.70
C GLY C 17 -15.73 19.58 -13.23
N ARG C 18 -16.94 19.08 -13.09
CA ARG C 18 -18.00 19.91 -12.57
C ARG C 18 -17.61 20.62 -11.27
N ILE C 19 -16.90 19.96 -10.37
CA ILE C 19 -16.53 20.62 -9.11
C ILE C 19 -15.55 21.78 -9.36
N ALA C 20 -14.60 21.52 -10.24
CA ALA C 20 -13.73 22.58 -10.71
C ALA C 20 -14.49 23.76 -11.36
N ARG C 21 -15.48 23.43 -12.17
CA ARG C 21 -16.37 24.44 -12.77
C ARG C 21 -17.13 25.24 -11.70
N PHE C 22 -17.74 24.52 -10.76
CA PHE C 22 -18.48 25.11 -9.63
C PHE C 22 -17.59 26.10 -8.86
N LEU C 23 -16.31 25.79 -8.74
CA LEU C 23 -15.38 26.66 -8.00
C LEU C 23 -15.06 28.00 -8.67
N LYS C 24 -14.98 28.00 -10.02
CA LYS C 24 -14.78 29.24 -10.78
C LYS C 24 -16.13 29.95 -11.02
N ALA C 25 -17.11 29.21 -11.52
CA ALA C 25 -18.51 29.70 -11.61
C ALA C 25 -18.93 30.42 -10.34
N GLY C 26 -18.69 29.81 -9.19
CA GLY C 26 -19.05 30.39 -7.90
C GLY C 26 -18.29 31.64 -7.46
N LYS C 27 -17.26 32.03 -8.24
CA LYS C 27 -16.36 33.14 -7.92
C LYS C 27 -15.82 33.02 -6.49
N TYR C 28 -15.33 31.82 -6.18
CA TYR C 28 -14.77 31.47 -4.89
C TYR C 28 -13.30 31.87 -4.93
N ALA C 29 -12.72 31.70 -6.10
CA ALA C 29 -11.48 32.36 -6.43
C ALA C 29 -11.35 32.50 -7.93
N GLU C 30 -10.41 33.37 -8.30
CA GLU C 30 -10.13 33.70 -9.68
C GLU C 30 -9.50 32.51 -10.42
N ARG C 31 -8.51 31.92 -9.74
CA ARG C 31 -7.61 30.92 -10.28
C ARG C 31 -7.70 29.69 -9.36
N VAL C 32 -7.77 28.51 -9.93
CA VAL C 32 -7.84 27.30 -9.12
C VAL C 32 -6.78 26.28 -9.59
N GLY C 33 -6.02 25.71 -8.65
CA GLY C 33 -5.01 24.67 -8.95
C GLY C 33 -5.68 23.35 -9.24
N ALA C 34 -5.13 22.56 -10.12
CA ALA C 34 -5.80 21.32 -10.52
C ALA C 34 -5.98 20.31 -9.40
N GLY C 35 -5.22 20.46 -8.32
CA GLY C 35 -5.35 19.59 -7.15
C GLY C 35 -6.62 19.82 -6.37
N ALA C 36 -6.94 21.08 -6.15
CA ALA C 36 -8.17 21.46 -5.40
C ALA C 36 -9.45 20.69 -5.76
N PRO C 37 -9.98 20.86 -6.99
CA PRO C 37 -11.19 20.11 -7.38
C PRO C 37 -11.09 18.60 -7.19
N VAL C 38 -9.93 18.01 -7.46
CA VAL C 38 -9.76 16.58 -7.22
C VAL C 38 -9.90 16.29 -5.72
N TYR C 39 -9.11 16.99 -4.91
CA TYR C 39 -9.14 16.85 -3.47
C TYR C 39 -10.57 17.04 -2.89
N LEU C 40 -11.24 18.10 -3.34
CA LEU C 40 -12.55 18.46 -2.82
C LEU C 40 -13.58 17.42 -3.22
N ALA C 41 -13.55 16.97 -4.47
CA ALA C 41 -14.38 15.84 -4.90
C ALA C 41 -14.14 14.60 -4.06
N ALA C 42 -12.89 14.30 -3.79
CA ALA C 42 -12.62 13.12 -2.99
C ALA C 42 -13.24 13.25 -1.58
N VAL C 43 -13.27 14.46 -1.04
CA VAL C 43 -13.79 14.71 0.27
C VAL C 43 -15.32 14.61 0.30
N LEU C 44 -15.96 15.16 -0.72
CA LEU C 44 -17.43 15.08 -0.84
C LEU C 44 -17.92 13.65 -1.07
N GLU C 45 -17.17 12.85 -1.78
CA GLU C 45 -17.48 11.45 -1.90
C GLU C 45 -17.36 10.76 -0.57
N TYR C 46 -16.30 11.07 0.18
CA TYR C 46 -15.98 10.35 1.41
C TYR C 46 -17.17 10.47 2.38
N LEU C 47 -17.63 11.71 2.54
CA LEU C 47 -18.78 12.07 3.35
C LEU C 47 -20.06 11.40 2.87
N ALA C 48 -20.34 11.54 1.58
CA ALA C 48 -21.43 10.83 0.96
C ALA C 48 -21.43 9.32 1.31
N ALA C 49 -20.25 8.72 1.22
CA ALA C 49 -20.13 7.32 1.52
C ALA C 49 -20.31 7.06 3.02
N GLU C 50 -19.69 7.87 3.88
CA GLU C 50 -19.90 7.67 5.32
C GLU C 50 -21.36 7.78 5.71
N VAL C 51 -22.03 8.81 5.25
CA VAL C 51 -23.44 9.00 5.57
C VAL C 51 -24.31 7.84 5.01
N LEU C 52 -24.02 7.39 3.79
CA LEU C 52 -24.81 6.35 3.18
C LEU C 52 -24.59 5.01 3.84
N GLU C 53 -23.35 4.65 4.20
CA GLU C 53 -23.07 3.44 5.00
C GLU C 53 -23.89 3.42 6.26
N LEU C 54 -23.91 4.51 7.01
CA LEU C 54 -24.66 4.50 8.27
C LEU C 54 -26.16 4.43 8.08
N ALA C 55 -26.67 5.20 7.11
CA ALA C 55 -28.10 5.32 6.90
C ALA C 55 -28.65 4.03 6.37
N GLY C 56 -27.90 3.36 5.54
CA GLY C 56 -28.27 1.99 5.12
C GLY C 56 -28.22 0.97 6.26
N ASN C 57 -27.15 1.00 7.04
CA ASN C 57 -27.01 0.11 8.21
C ASN C 57 -28.21 0.31 9.16
N ALA C 58 -28.63 1.57 9.30
CA ALA C 58 -29.88 1.91 9.98
C ALA C 58 -31.14 1.38 9.30
N ALA C 59 -31.17 1.43 7.98
CA ALA C 59 -32.30 0.90 7.27
C ALA C 59 -32.41 -0.60 7.55
N ARG C 60 -31.34 -1.37 7.44
CA ARG C 60 -31.43 -2.78 7.74
C ARG C 60 -31.73 -3.10 9.15
N ASP C 61 -31.01 -2.47 10.05
CA ASP C 61 -31.22 -2.69 11.51
C ASP C 61 -32.70 -2.48 11.84
N ASN C 62 -33.38 -1.67 11.04
CA ASN C 62 -34.81 -1.42 11.14
C ASN C 62 -35.66 -2.24 10.13
N LYS C 63 -35.14 -3.38 9.69
CA LYS C 63 -35.76 -4.30 8.70
C LYS C 63 -36.31 -3.71 7.38
N LYS C 64 -35.58 -2.76 6.81
CA LYS C 64 -35.93 -2.16 5.55
C LYS C 64 -34.85 -2.36 4.53
N THR C 65 -35.24 -2.21 3.26
CA THR C 65 -34.34 -2.42 2.12
C THR C 65 -34.32 -1.16 1.31
N ARG C 66 -34.68 -0.02 1.90
CA ARG C 66 -34.70 1.25 1.20
C ARG C 66 -34.64 2.41 2.22
N ILE C 67 -33.66 3.27 2.02
CA ILE C 67 -33.39 4.38 2.89
C ILE C 67 -34.47 5.45 2.78
N VAL C 68 -34.98 5.94 3.91
CA VAL C 68 -35.88 7.12 3.98
C VAL C 68 -35.27 8.17 4.95
N PRO C 69 -35.86 9.38 5.00
CA PRO C 69 -35.27 10.45 5.81
C PRO C 69 -34.97 10.12 7.29
N ARG C 70 -35.87 9.41 7.93
CA ARG C 70 -35.65 8.98 9.26
C ARG C 70 -34.31 8.30 9.37
N HIS C 71 -34.02 7.31 8.50
CA HIS C 71 -32.77 6.56 8.60
C HIS C 71 -31.52 7.45 8.58
N ILE C 72 -31.51 8.46 7.71
CA ILE C 72 -30.40 9.41 7.65
C ILE C 72 -30.29 10.20 8.98
N GLN C 73 -31.44 10.67 9.46
CA GLN C 73 -31.52 11.49 10.69
C GLN C 73 -30.90 10.80 11.88
N LEU C 74 -31.22 9.51 11.98
CA LEU C 74 -30.82 8.61 13.06
C LEU C 74 -29.36 8.28 12.93
N ALA C 75 -28.94 7.94 11.71
CA ALA C 75 -27.55 7.66 11.41
C ALA C 75 -26.65 8.81 11.86
N VAL C 76 -27.06 10.06 11.56
CA VAL C 76 -26.31 11.26 11.94
C VAL C 76 -26.32 11.57 13.47
N ARG C 77 -27.48 11.44 14.12
CA ARG C 77 -27.62 11.56 15.57
C ARG C 77 -26.74 10.62 16.34
N ASN C 78 -26.57 9.43 15.81
CA ASN C 78 -25.82 8.41 16.47
C ASN C 78 -24.36 8.37 16.17
N ASP C 79 -23.86 9.32 15.42
CA ASP C 79 -22.48 9.37 15.13
C ASP C 79 -21.94 10.60 15.79
N GLU C 80 -20.87 10.48 16.55
CA GLU C 80 -20.35 11.64 17.19
C GLU C 80 -19.83 12.69 16.22
N GLU C 81 -19.06 12.30 15.23
CA GLU C 81 -18.57 13.28 14.31
C GLU C 81 -19.60 13.92 13.41
N LEU C 82 -20.47 13.11 12.83
CA LEU C 82 -21.40 13.58 11.83
C LEU C 82 -22.36 14.62 12.22
N SER C 83 -22.78 14.55 13.45
CA SER C 83 -23.71 15.50 13.96
C SER C 83 -23.13 16.87 13.91
N LYS C 84 -21.82 16.98 14.08
CA LYS C 84 -21.14 18.28 14.17
C LYS C 84 -21.03 19.04 12.90
N LEU C 85 -20.95 18.33 11.80
CA LEU C 85 -21.00 18.94 10.47
C LEU C 85 -22.37 19.43 10.12
N LEU C 86 -23.31 18.51 10.34
CA LEU C 86 -24.71 18.65 10.06
C LEU C 86 -25.66 19.19 11.09
N GLY C 87 -25.64 18.63 12.27
CA GLY C 87 -26.60 19.03 13.27
C GLY C 87 -27.73 18.01 13.21
N ASP C 88 -28.89 18.36 13.72
CA ASP C 88 -29.97 17.43 13.66
C ASP C 88 -30.43 17.46 12.25
N VAL C 89 -30.59 16.31 11.63
CA VAL C 89 -31.09 16.28 10.29
C VAL C 89 -32.56 16.61 10.40
N THR C 90 -33.06 17.39 9.48
CA THR C 90 -34.44 17.78 9.53
C THR C 90 -35.23 16.94 8.57
N ILE C 91 -36.23 16.26 9.08
CA ILE C 91 -37.06 15.44 8.23
C ILE C 91 -38.51 15.86 8.32
N THR D 10 19.00 13.07 -11.47
CA THR D 10 19.26 12.53 -12.79
C THR D 10 18.03 12.03 -13.43
N TYR D 11 17.84 12.30 -14.71
CA TYR D 11 16.67 11.83 -15.40
C TYR D 11 17.09 10.79 -16.39
N LYS D 12 18.23 10.17 -16.19
CA LYS D 12 18.70 9.23 -17.18
C LYS D 12 17.81 8.02 -17.45
N ILE D 13 17.32 7.42 -16.39
CA ILE D 13 16.53 6.24 -16.56
C ILE D 13 15.26 6.43 -17.37
N TYR D 14 14.55 7.51 -17.11
CA TYR D 14 13.32 7.82 -17.81
C TYR D 14 13.60 8.06 -19.26
N ILE D 15 14.73 8.69 -19.52
CA ILE D 15 15.18 8.94 -20.89
C ILE D 15 15.40 7.59 -21.63
N PHE D 16 16.00 6.63 -20.92
CA PHE D 16 16.24 5.29 -21.44
C PHE D 16 14.90 4.74 -21.90
N LYS D 17 13.93 4.83 -21.00
CA LYS D 17 12.57 4.35 -21.30
C LYS D 17 11.93 5.08 -22.46
N VAL D 18 12.30 6.34 -22.66
CA VAL D 18 11.73 7.14 -23.76
C VAL D 18 12.39 6.77 -25.08
N LEU D 19 13.68 6.46 -24.98
CA LEU D 19 14.45 5.86 -26.06
C LEU D 19 13.72 4.62 -26.57
N LYS D 20 13.42 3.72 -25.65
CA LYS D 20 12.77 2.45 -25.95
C LYS D 20 11.42 2.68 -26.57
N GLN D 21 10.79 3.79 -26.26
CA GLN D 21 9.49 4.11 -26.85
C GLN D 21 9.59 4.21 -28.35
N VAL D 22 10.66 4.79 -28.88
CA VAL D 22 10.82 4.82 -30.31
C VAL D 22 12.01 4.00 -30.83
N HIS D 23 13.02 3.76 -30.00
CA HIS D 23 14.19 2.95 -30.42
C HIS D 23 14.62 1.92 -29.37
N PRO D 24 13.91 0.82 -29.31
CA PRO D 24 14.16 -0.26 -28.36
C PRO D 24 15.50 -0.96 -28.52
N ASP D 25 15.86 -1.17 -29.77
CA ASP D 25 17.12 -1.81 -30.13
C ASP D 25 18.34 -1.00 -29.78
N ILE D 26 18.23 0.31 -29.98
CA ILE D 26 19.30 1.26 -29.73
C ILE D 26 19.73 1.42 -28.28
N GLY D 27 21.03 1.50 -28.07
CA GLY D 27 21.64 1.72 -26.79
C GLY D 27 22.05 3.18 -26.68
N ILE D 28 22.66 3.54 -25.57
CA ILE D 28 23.06 4.95 -25.41
C ILE D 28 24.31 5.06 -24.53
N SER D 29 25.29 5.86 -24.97
CA SER D 29 26.64 5.84 -24.36
C SER D 29 26.71 6.56 -23.02
N SER D 30 27.64 6.14 -22.16
CA SER D 30 27.79 6.69 -20.82
C SER D 30 27.84 8.24 -20.82
N LYS D 31 28.57 8.83 -21.77
CA LYS D 31 28.66 10.30 -21.92
C LYS D 31 27.45 10.95 -22.63
N ALA D 32 26.91 10.31 -23.67
CA ALA D 32 25.70 10.79 -24.38
C ALA D 32 24.41 10.84 -23.55
N MET D 33 24.38 10.10 -22.45
CA MET D 33 23.30 10.19 -21.48
C MET D 33 23.41 11.54 -20.81
N GLY D 34 24.56 11.77 -20.15
CA GLY D 34 24.89 13.06 -19.52
C GLY D 34 24.61 14.33 -20.32
N ILE D 35 24.54 14.22 -21.66
CA ILE D 35 24.12 15.30 -22.57
C ILE D 35 22.61 15.42 -22.55
N MET D 36 21.93 14.29 -22.74
CA MET D 36 20.46 14.23 -22.61
C MET D 36 20.03 14.76 -21.21
N ASN D 37 20.63 14.21 -20.17
CA ASN D 37 20.47 14.74 -18.81
C ASN D 37 20.65 16.26 -18.68
N SER D 38 21.65 16.81 -19.38
CA SER D 38 21.92 18.25 -19.34
C SER D 38 20.89 19.08 -20.04
N PHE D 39 20.30 18.55 -21.12
CA PHE D 39 19.19 19.25 -21.78
C PHE D 39 17.98 19.40 -20.89
N ILE D 40 17.61 18.29 -20.26
CA ILE D 40 16.42 18.26 -19.43
C ILE D 40 16.58 19.27 -18.28
N ASN D 41 17.75 19.28 -17.65
CA ASN D 41 18.01 20.26 -16.60
C ASN D 41 17.96 21.68 -17.13
N ASP D 42 18.47 21.90 -18.32
CA ASP D 42 18.48 23.23 -18.90
C ASP D 42 17.06 23.69 -19.07
N ILE D 43 16.24 22.84 -19.65
CA ILE D 43 14.90 23.26 -20.03
C ILE D 43 14.00 23.26 -18.80
N PHE D 44 14.35 22.45 -17.80
CA PHE D 44 13.60 22.48 -16.57
C PHE D 44 13.76 23.87 -15.99
N GLU D 45 15.00 24.27 -15.81
CA GLU D 45 15.37 25.60 -15.32
C GLU D 45 14.76 26.78 -16.11
N LYS D 46 14.76 26.70 -17.44
CA LYS D 46 14.33 27.83 -18.26
C LYS D 46 12.83 28.07 -18.08
N LEU D 47 12.08 27.00 -18.27
CA LEU D 47 10.64 26.95 -17.99
C LEU D 47 10.24 27.24 -16.52
N ALA D 48 10.93 26.61 -15.57
CA ALA D 48 10.73 26.92 -14.16
C ALA D 48 10.86 28.43 -13.92
N GLN D 49 11.97 29.01 -14.38
CA GLN D 49 12.22 30.42 -14.15
C GLN D 49 11.18 31.24 -14.90
N GLU D 50 10.81 30.80 -16.10
CA GLU D 50 9.77 31.52 -16.83
C GLU D 50 8.47 31.52 -16.03
N SER D 51 8.04 30.32 -15.64
CA SER D 51 6.90 30.14 -14.74
C SER D 51 6.94 31.03 -13.52
N SER D 52 8.09 31.19 -12.89
CA SER D 52 8.21 32.05 -11.72
C SER D 52 7.91 33.50 -12.00
N LYS D 53 8.41 33.99 -13.11
CA LYS D 53 8.20 35.36 -13.49
C LYS D 53 6.76 35.61 -13.75
N LEU D 54 6.12 34.69 -14.44
CA LEU D 54 4.74 34.81 -14.76
C LEU D 54 3.90 34.77 -13.53
N ALA D 55 4.22 33.85 -12.64
CA ALA D 55 3.53 33.67 -11.39
C ALA D 55 3.67 34.89 -10.56
N ARG D 56 4.86 35.44 -10.48
CA ARG D 56 5.01 36.73 -9.76
C ARG D 56 4.23 37.88 -10.36
N TYR D 57 3.99 37.83 -11.65
CA TYR D 57 3.22 38.85 -12.32
C TYR D 57 1.70 38.74 -12.04
N ASN D 58 1.18 37.51 -11.93
CA ASN D 58 -0.29 37.23 -11.96
C ASN D 58 -1.12 37.65 -10.77
N LYS D 59 -0.58 37.65 -9.58
CA LYS D 59 -1.23 38.39 -8.48
C LYS D 59 -2.74 38.24 -8.18
N LYS D 60 -3.38 37.18 -8.68
CA LYS D 60 -4.79 36.95 -8.35
C LYS D 60 -4.85 35.80 -7.34
N PRO D 61 -5.84 35.81 -6.46
CA PRO D 61 -5.95 34.73 -5.48
C PRO D 61 -6.18 33.38 -6.14
N THR D 62 -5.48 32.39 -5.63
CA THR D 62 -5.55 31.04 -6.13
C THR D 62 -6.00 30.12 -5.02
N ILE D 63 -6.90 29.19 -5.35
CA ILE D 63 -7.20 28.10 -4.47
C ILE D 63 -6.42 26.91 -4.97
N THR D 64 -5.48 26.42 -4.18
CA THR D 64 -4.86 25.09 -4.39
C THR D 64 -5.38 24.15 -3.32
N SER D 65 -4.93 22.92 -3.34
CA SER D 65 -5.36 21.88 -2.42
C SER D 65 -4.98 22.13 -1.00
N ARG D 66 -4.01 23.00 -0.78
CA ARG D 66 -3.64 23.41 0.56
C ARG D 66 -4.76 24.15 1.21
N GLU D 67 -5.44 24.98 0.45
CA GLU D 67 -6.56 25.70 0.95
C GLU D 67 -7.67 24.74 1.25
N ILE D 68 -7.88 23.77 0.39
CA ILE D 68 -8.91 22.79 0.61
C ILE D 68 -8.61 21.98 1.84
N GLN D 69 -7.39 21.54 1.99
CA GLN D 69 -6.99 20.80 3.20
C GLN D 69 -7.05 21.59 4.50
N THR D 70 -6.80 22.89 4.45
CA THR D 70 -6.91 23.70 5.66
C THR D 70 -8.37 23.95 5.96
N ALA D 71 -9.18 24.20 4.92
CA ALA D 71 -10.63 24.26 5.09
C ALA D 71 -11.15 23.01 5.77
N VAL D 72 -10.82 21.88 5.16
CA VAL D 72 -11.30 20.60 5.64
C VAL D 72 -10.94 20.43 7.10
N ARG D 73 -9.69 20.66 7.47
CA ARG D 73 -9.28 20.51 8.90
C ARG D 73 -10.04 21.47 9.85
N LEU D 74 -10.28 22.70 9.41
CA LEU D 74 -10.96 23.69 10.25
C LEU D 74 -12.46 23.38 10.47
N VAL D 75 -13.14 23.04 9.37
CA VAL D 75 -14.58 22.85 9.35
C VAL D 75 -15.01 21.47 9.82
N LEU D 76 -14.28 20.43 9.43
CA LEU D 76 -14.67 19.07 9.82
C LEU D 76 -14.17 18.73 11.20
N PRO D 77 -14.98 18.00 11.97
CA PRO D 77 -14.64 17.61 13.34
C PRO D 77 -13.72 16.42 13.38
N GLY D 78 -12.95 16.35 14.46
CA GLY D 78 -12.23 15.12 14.87
C GLY D 78 -11.55 14.21 13.89
N GLU D 79 -11.84 12.92 13.97
CA GLU D 79 -11.16 11.95 13.11
C GLU D 79 -11.78 11.98 11.71
N LEU D 80 -13.01 12.49 11.64
CA LEU D 80 -13.70 12.62 10.41
C LEU D 80 -12.92 13.58 9.54
N ALA D 81 -12.36 14.61 10.14
CA ALA D 81 -11.49 15.52 9.40
C ALA D 81 -10.23 14.82 8.86
N LYS D 82 -9.63 13.95 9.67
CA LYS D 82 -8.40 13.25 9.27
C LYS D 82 -8.67 12.20 8.25
N HIS D 83 -9.80 11.50 8.36
CA HIS D 83 -10.18 10.55 7.30
C HIS D 83 -10.35 11.26 5.96
N ALA D 84 -10.93 12.46 5.99
CA ALA D 84 -11.24 13.22 4.79
C ALA D 84 -9.96 13.76 4.13
N VAL D 85 -9.08 14.31 4.95
CA VAL D 85 -7.77 14.76 4.48
C VAL D 85 -7.02 13.60 3.82
N SER D 86 -7.14 12.42 4.44
CA SER D 86 -6.49 11.23 3.91
C SER D 86 -7.04 10.89 2.51
N GLU D 87 -8.35 10.86 2.34
CA GLU D 87 -8.92 10.44 1.06
C GLU D 87 -8.59 11.45 -0.05
N GLY D 88 -8.42 12.69 0.38
CA GLY D 88 -8.14 13.81 -0.52
C GLY D 88 -6.72 13.78 -1.00
N THR D 89 -5.82 13.54 -0.07
CA THR D 89 -4.43 13.38 -0.37
C THR D 89 -4.19 12.21 -1.31
N LYS D 90 -4.87 11.08 -1.09
CA LYS D 90 -4.70 9.92 -1.95
C LYS D 90 -5.18 10.26 -3.33
N ALA D 91 -6.30 10.96 -3.43
CA ALA D 91 -6.92 11.21 -4.74
C ALA D 91 -6.10 12.16 -5.61
N VAL D 92 -5.49 13.19 -5.02
CA VAL D 92 -4.54 14.05 -5.75
C VAL D 92 -3.31 13.25 -6.19
N THR D 93 -2.86 12.32 -5.35
CA THR D 93 -1.66 11.50 -5.62
C THR D 93 -1.89 10.49 -6.76
N LYS D 94 -3.07 9.87 -6.83
CA LYS D 94 -3.44 9.07 -7.99
C LYS D 94 -3.30 9.90 -9.28
N PHE D 95 -4.01 11.02 -9.30
CA PHE D 95 -4.00 12.01 -10.38
C PHE D 95 -2.59 12.49 -10.75
N THR D 96 -1.74 12.65 -9.74
CA THR D 96 -0.33 12.95 -9.92
C THR D 96 0.41 11.74 -10.51
N SER D 97 0.52 10.62 -9.80
CA SER D 97 1.25 9.43 -10.30
C SER D 97 0.32 8.48 -11.04
N LEU E 12 3.10 7.19 -21.36
CA LEU E 12 3.62 8.50 -21.01
C LEU E 12 4.32 8.47 -19.67
N GLN E 13 5.58 8.09 -19.66
CA GLN E 13 6.29 8.00 -18.39
C GLN E 13 7.47 8.90 -18.24
N PHE E 14 7.52 9.51 -17.06
CA PHE E 14 8.52 10.45 -16.60
C PHE E 14 8.23 10.66 -15.10
N PRO E 15 9.17 11.21 -14.35
CA PRO E 15 8.96 11.35 -12.92
C PRO E 15 8.29 12.66 -12.51
N VAL E 16 6.96 12.66 -12.43
CA VAL E 16 6.23 13.86 -12.03
C VAL E 16 6.44 14.28 -10.56
N GLY E 17 6.49 13.30 -9.67
CA GLY E 17 6.68 13.54 -8.26
C GLY E 17 8.02 14.21 -8.00
N ARG E 18 9.02 13.86 -8.82
CA ARG E 18 10.39 14.47 -8.76
C ARG E 18 10.40 15.91 -9.30
N ILE E 19 9.99 16.10 -10.55
CA ILE E 19 9.66 17.44 -11.04
C ILE E 19 8.87 18.29 -10.02
N ALA E 20 7.82 17.73 -9.42
CA ALA E 20 7.13 18.40 -8.32
C ALA E 20 8.12 18.81 -7.22
N ARG E 21 9.00 17.90 -6.77
CA ARG E 21 9.99 18.20 -5.69
C ARG E 21 10.77 19.46 -6.01
N PHE E 22 11.47 19.44 -7.15
CA PHE E 22 12.37 20.53 -7.59
C PHE E 22 11.57 21.83 -7.70
N LEU E 23 10.47 21.75 -8.40
CA LEU E 23 9.63 22.88 -8.64
C LEU E 23 9.12 23.49 -7.36
N LYS E 24 8.76 22.65 -6.42
CA LYS E 24 8.23 23.10 -5.15
C LYS E 24 9.23 23.76 -4.20
N ALA E 25 10.48 23.49 -4.47
CA ALA E 25 11.62 23.89 -3.62
C ALA E 25 11.68 25.37 -3.19
N GLY E 26 10.92 26.26 -3.81
CA GLY E 26 10.87 27.65 -3.36
C GLY E 26 11.77 28.62 -4.11
N LYS E 27 12.60 28.11 -4.99
CA LYS E 27 13.41 28.96 -5.80
C LYS E 27 12.51 29.72 -6.77
N TYR E 28 11.47 29.06 -7.24
CA TYR E 28 10.59 29.58 -8.27
C TYR E 28 9.37 30.16 -7.59
N ALA E 29 8.72 29.35 -6.76
CA ALA E 29 7.54 29.76 -6.00
C ALA E 29 7.40 28.89 -4.76
N GLU E 30 6.67 29.39 -3.77
CA GLU E 30 6.40 28.64 -2.54
C GLU E 30 5.11 27.80 -2.66
N ARG E 31 4.21 28.27 -3.49
CA ARG E 31 2.95 27.61 -3.75
C ARG E 31 2.99 27.06 -5.18
N VAL E 32 2.75 25.75 -5.33
CA VAL E 32 2.66 25.12 -6.65
C VAL E 32 1.43 24.24 -6.76
N GLY E 33 0.52 24.56 -7.70
CA GLY E 33 -0.65 23.69 -8.05
C GLY E 33 -0.20 22.32 -8.56
N ALA E 34 -0.97 21.26 -8.32
CA ALA E 34 -0.49 19.93 -8.73
C ALA E 34 -0.64 19.73 -10.22
N GLY E 35 -1.42 20.58 -10.86
CA GLY E 35 -1.38 20.69 -12.31
C GLY E 35 0.03 20.94 -12.82
N ALA E 36 0.72 21.95 -12.26
CA ALA E 36 2.07 22.35 -12.71
C ALA E 36 3.04 21.18 -12.95
N PRO E 37 3.43 20.45 -11.91
CA PRO E 37 4.44 19.39 -12.18
C PRO E 37 4.03 18.27 -13.16
N VAL E 38 2.74 18.09 -13.38
CA VAL E 38 2.28 17.07 -14.30
C VAL E 38 2.59 17.58 -15.71
N TYR E 39 1.96 18.71 -16.05
CA TYR E 39 2.20 19.44 -17.30
C TYR E 39 3.70 19.55 -17.62
N LEU E 40 4.47 20.06 -16.66
CA LEU E 40 5.89 20.26 -16.87
C LEU E 40 6.57 18.98 -17.28
N ALA E 41 6.41 17.93 -16.48
CA ALA E 41 7.02 16.64 -16.76
C ALA E 41 6.71 16.18 -18.15
N ALA E 42 5.48 16.39 -18.61
CA ALA E 42 5.05 15.88 -19.90
C ALA E 42 5.70 16.64 -21.06
N VAL E 43 5.88 17.95 -20.88
CA VAL E 43 6.61 18.80 -21.83
C VAL E 43 8.09 18.43 -21.91
N LEU E 44 8.75 18.24 -20.78
CA LEU E 44 10.14 17.81 -20.77
C LEU E 44 10.22 16.50 -21.55
N GLU E 45 9.35 15.56 -21.21
CA GLU E 45 9.35 14.21 -21.80
C GLU E 45 9.24 14.23 -23.31
N TYR E 46 8.35 15.07 -23.83
CA TYR E 46 8.18 15.24 -25.28
C TYR E 46 9.51 15.62 -25.91
N LEU E 47 10.16 16.62 -25.34
CA LEU E 47 11.39 17.13 -25.87
C LEU E 47 12.38 16.05 -25.87
N ALA E 48 12.44 15.26 -24.82
CA ALA E 48 13.39 14.17 -24.83
C ALA E 48 13.04 13.21 -25.93
N ALA E 49 11.77 12.89 -26.08
CA ALA E 49 11.38 11.99 -27.12
C ALA E 49 11.72 12.56 -28.47
N GLU E 50 11.43 13.81 -28.75
CA GLU E 50 11.76 14.35 -30.05
C GLU E 50 13.25 14.33 -30.29
N VAL E 51 14.06 14.64 -29.29
CA VAL E 51 15.49 14.57 -29.52
C VAL E 51 16.01 13.17 -29.72
N LEU E 52 15.69 12.27 -28.81
CA LEU E 52 16.08 10.84 -28.88
C LEU E 52 15.62 10.10 -30.15
N GLU E 53 14.54 10.57 -30.77
CA GLU E 53 14.13 10.07 -32.08
C GLU E 53 15.23 10.28 -33.11
N LEU E 54 15.61 11.54 -33.28
CA LEU E 54 16.52 11.94 -34.30
C LEU E 54 17.86 11.31 -34.20
N ALA E 55 18.32 11.02 -33.01
CA ALA E 55 19.61 10.40 -32.88
C ALA E 55 19.61 9.07 -33.60
N GLY E 56 18.57 8.27 -33.38
CA GLY E 56 18.51 6.99 -34.07
C GLY E 56 18.45 7.21 -35.55
N ASN E 57 17.63 8.16 -36.00
CA ASN E 57 17.50 8.41 -37.43
C ASN E 57 18.82 8.82 -38.02
N ALA E 58 19.51 9.70 -37.31
CA ALA E 58 20.83 10.15 -37.68
C ALA E 58 21.80 8.96 -37.62
N ALA E 59 21.64 8.07 -36.63
CA ALA E 59 22.44 6.85 -36.49
C ALA E 59 22.26 5.85 -37.64
N ARG E 60 21.13 5.88 -38.32
CA ARG E 60 20.93 4.99 -39.44
C ARG E 60 22.00 5.27 -40.48
N ASP E 61 22.19 6.52 -40.84
CA ASP E 61 23.25 6.87 -41.80
C ASP E 61 24.68 6.91 -41.21
N ASN E 62 24.82 6.57 -39.91
CA ASN E 62 26.09 6.13 -39.30
C ASN E 62 26.13 4.59 -39.12
N LYS E 63 24.96 3.95 -39.13
CA LYS E 63 24.82 2.50 -38.95
C LYS E 63 25.41 2.01 -37.61
N LYS E 64 24.71 2.33 -36.53
CA LYS E 64 24.98 1.73 -35.22
C LYS E 64 23.69 1.27 -34.58
N THR E 65 23.86 0.39 -33.60
CA THR E 65 22.86 0.17 -32.57
C THR E 65 23.55 0.61 -31.28
N ARG E 66 23.74 1.93 -31.23
CA ARG E 66 24.31 2.65 -30.10
C ARG E 66 24.17 4.14 -30.45
N ILE E 67 24.14 4.99 -29.43
CA ILE E 67 24.14 6.42 -29.63
C ILE E 67 25.22 7.03 -28.75
N VAL E 68 26.06 7.85 -29.39
CA VAL E 68 27.18 8.57 -28.81
C VAL E 68 26.91 10.07 -29.02
N PRO E 69 27.68 10.94 -28.39
CA PRO E 69 27.42 12.36 -28.40
C PRO E 69 27.34 12.97 -29.76
N ARG E 70 28.14 12.54 -30.72
CA ARG E 70 28.05 13.10 -32.05
C ARG E 70 26.69 12.91 -32.69
N HIS E 71 26.06 11.77 -32.46
CA HIS E 71 24.76 11.52 -33.02
C HIS E 71 23.76 12.53 -32.55
N ILE E 72 23.77 12.80 -31.25
CA ILE E 72 22.87 13.80 -30.71
C ILE E 72 23.25 15.15 -31.33
N GLN E 73 24.56 15.42 -31.34
CA GLN E 73 25.17 16.61 -31.98
C GLN E 73 24.68 16.82 -33.42
N LEU E 74 24.80 15.75 -34.23
CA LEU E 74 24.27 15.77 -35.60
C LEU E 74 22.79 16.25 -35.59
N ALA E 75 21.98 15.55 -34.80
CA ALA E 75 20.51 15.67 -34.77
C ALA E 75 19.97 17.04 -34.36
N VAL E 76 20.57 17.58 -33.29
CA VAL E 76 20.23 18.90 -32.76
C VAL E 76 20.44 19.94 -33.85
N ARG E 77 21.68 19.98 -34.36
CA ARG E 77 22.15 20.97 -35.37
C ARG E 77 21.33 20.96 -36.65
N ASN E 78 21.09 19.76 -37.17
CA ASN E 78 20.19 19.58 -38.32
C ASN E 78 18.73 20.01 -38.10
N ASP E 79 18.25 19.95 -36.85
CA ASP E 79 16.90 20.40 -36.50
C ASP E 79 16.84 21.89 -36.12
N GLU E 80 16.00 22.65 -36.84
CA GLU E 80 16.00 24.11 -36.73
C GLU E 80 15.49 24.53 -35.36
N GLU E 81 14.32 23.99 -35.02
CA GLU E 81 13.58 24.28 -33.78
C GLU E 81 14.42 24.01 -32.53
N LEU E 82 15.00 22.80 -32.49
CA LEU E 82 15.77 22.30 -31.35
C LEU E 82 17.07 23.08 -31.08
N SER E 83 17.83 23.40 -32.12
CA SER E 83 19.06 24.18 -31.97
C SER E 83 18.79 25.64 -31.50
N LYS E 84 17.63 26.21 -31.86
CA LYS E 84 17.19 27.48 -31.22
C LYS E 84 16.89 27.35 -29.71
N LEU E 85 16.49 26.17 -29.28
CA LEU E 85 16.21 25.89 -27.89
C LEU E 85 17.49 25.53 -27.14
N LEU E 86 18.15 24.47 -27.58
CA LEU E 86 19.43 24.01 -26.96
C LEU E 86 20.61 24.78 -27.59
N GLY E 87 21.82 24.45 -27.16
CA GLY E 87 23.00 25.08 -27.70
C GLY E 87 23.53 24.39 -28.95
N ASP E 88 24.84 24.30 -29.02
CA ASP E 88 25.47 23.54 -30.05
C ASP E 88 26.08 22.49 -29.15
N VAL E 89 25.70 21.27 -29.38
CA VAL E 89 26.13 20.20 -28.53
C VAL E 89 27.61 20.00 -28.61
N THR E 90 28.21 19.67 -27.49
CA THR E 90 29.64 19.46 -27.44
C THR E 90 30.00 18.00 -27.76
N LEU F 12 21.36 -6.03 -1.77
CA LEU F 12 21.27 -7.14 -0.75
C LEU F 12 19.91 -7.85 -0.88
N GLN F 13 19.97 -9.07 -1.44
CA GLN F 13 18.81 -9.88 -1.82
C GLN F 13 18.16 -10.81 -0.76
N PHE F 14 18.82 -11.04 0.38
CA PHE F 14 18.34 -12.06 1.33
C PHE F 14 17.08 -11.60 2.10
N PRO F 15 16.31 -12.53 2.70
CA PRO F 15 14.98 -12.23 3.25
C PRO F 15 14.91 -11.90 4.75
N VAL F 16 15.40 -10.70 5.08
CA VAL F 16 15.48 -10.17 6.46
C VAL F 16 14.22 -10.36 7.32
N GLY F 17 13.05 -10.33 6.69
CA GLY F 17 11.80 -10.53 7.41
C GLY F 17 11.72 -11.95 7.94
N ARG F 18 12.09 -12.90 7.06
CA ARG F 18 12.07 -14.34 7.37
C ARG F 18 13.06 -14.67 8.52
N ILE F 19 14.33 -14.33 8.28
CA ILE F 19 15.38 -14.39 9.31
C ILE F 19 14.97 -13.82 10.67
N ALA F 20 14.21 -12.72 10.66
CA ALA F 20 13.64 -12.17 11.88
C ALA F 20 12.71 -13.19 12.54
N ARG F 21 11.80 -13.79 11.78
CA ARG F 21 10.80 -14.72 12.37
C ARG F 21 11.36 -16.10 12.72
N PHE F 22 12.43 -16.55 12.04
CA PHE F 22 13.20 -17.70 12.54
C PHE F 22 13.86 -17.32 13.88
N LEU F 23 14.37 -16.08 13.98
CA LEU F 23 15.05 -15.63 15.20
C LEU F 23 14.26 -15.56 16.50
N LYS F 24 12.93 -15.63 16.43
CA LYS F 24 12.09 -15.74 17.66
C LYS F 24 11.44 -17.11 17.85
N ALA F 25 11.23 -17.80 16.72
CA ALA F 25 10.64 -19.15 16.63
C ALA F 25 11.41 -20.31 17.28
N GLY F 26 12.76 -20.31 17.21
CA GLY F 26 13.60 -21.36 17.88
C GLY F 26 14.00 -21.09 19.34
N LYS F 27 13.52 -19.97 19.87
CA LYS F 27 13.87 -19.47 21.17
C LYS F 27 15.41 -19.50 21.41
N TYR F 28 16.09 -18.76 20.57
CA TYR F 28 17.43 -18.33 20.90
C TYR F 28 17.16 -17.28 22.00
N ALA F 29 16.21 -16.39 21.71
CA ALA F 29 15.67 -15.40 22.64
C ALA F 29 14.18 -15.12 22.39
N GLU F 30 13.55 -14.45 23.35
CA GLU F 30 12.19 -13.90 23.22
C GLU F 30 12.18 -12.46 22.75
N ARG F 31 13.20 -11.70 23.11
CA ARG F 31 13.37 -10.33 22.68
C ARG F 31 14.47 -10.28 21.61
N VAL F 32 14.15 -9.72 20.43
CA VAL F 32 15.16 -9.49 19.39
C VAL F 32 15.19 -8.08 18.81
N GLY F 33 16.32 -7.37 18.94
CA GLY F 33 16.56 -6.08 18.27
C GLY F 33 16.39 -6.15 16.76
N ALA F 34 15.84 -5.12 16.12
CA ALA F 34 15.67 -5.13 14.67
C ALA F 34 16.97 -4.99 13.92
N GLY F 35 18.03 -4.59 14.62
CA GLY F 35 19.37 -4.69 14.07
C GLY F 35 19.73 -6.13 13.74
N ALA F 36 19.42 -7.05 14.66
CA ALA F 36 19.82 -8.46 14.56
C ALA F 36 19.46 -9.16 13.24
N PRO F 37 18.18 -9.21 12.88
CA PRO F 37 17.88 -9.86 11.58
C PRO F 37 18.50 -9.18 10.34
N VAL F 38 18.68 -7.88 10.41
CA VAL F 38 19.24 -7.16 9.29
C VAL F 38 20.70 -7.62 9.12
N TYR F 39 21.48 -7.48 10.19
CA TYR F 39 22.88 -7.88 10.24
C TYR F 39 23.11 -9.37 9.90
N LEU F 40 22.28 -10.24 10.48
CA LEU F 40 22.39 -11.67 10.28
C LEU F 40 22.21 -12.00 8.81
N ALA F 41 21.11 -11.54 8.23
CA ALA F 41 20.79 -11.75 6.82
C ALA F 41 21.87 -11.28 5.88
N ALA F 42 22.58 -10.19 6.23
CA ALA F 42 23.69 -9.70 5.44
C ALA F 42 24.88 -10.69 5.45
N VAL F 43 25.28 -11.10 6.66
CA VAL F 43 26.29 -12.18 6.85
C VAL F 43 25.98 -13.47 6.07
N LEU F 44 24.83 -14.10 6.32
CA LEU F 44 24.44 -15.32 5.59
C LEU F 44 24.58 -15.13 4.08
N GLU F 45 24.12 -13.98 3.58
CA GLU F 45 24.19 -13.63 2.16
C GLU F 45 25.63 -13.48 1.65
N TYR F 46 26.51 -12.89 2.43
CA TYR F 46 27.93 -12.84 2.08
C TYR F 46 28.46 -14.25 1.85
N LEU F 47 28.16 -15.16 2.79
CA LEU F 47 28.60 -16.54 2.68
C LEU F 47 28.00 -17.21 1.47
N ALA F 48 26.72 -16.97 1.22
CA ALA F 48 26.07 -17.51 0.02
C ALA F 48 26.61 -16.88 -1.25
N ALA F 49 27.29 -15.75 -1.12
CA ALA F 49 27.99 -15.15 -2.25
C ALA F 49 29.35 -15.82 -2.44
N GLU F 50 30.27 -15.63 -1.50
CA GLU F 50 31.65 -16.16 -1.61
C GLU F 50 31.78 -17.69 -1.81
N VAL F 51 30.71 -18.46 -1.57
CA VAL F 51 30.65 -19.90 -1.94
C VAL F 51 30.24 -20.02 -3.39
N LEU F 52 29.05 -19.53 -3.74
CA LEU F 52 28.53 -19.57 -5.12
C LEU F 52 29.47 -18.98 -6.18
N GLU F 53 30.28 -17.99 -5.78
CA GLU F 53 31.28 -17.44 -6.69
C GLU F 53 32.33 -18.48 -7.01
N LEU F 54 32.85 -19.13 -5.97
CA LEU F 54 33.90 -20.12 -6.16
C LEU F 54 33.44 -21.37 -6.90
N ALA F 55 32.18 -21.75 -6.77
CA ALA F 55 31.68 -22.89 -7.49
C ALA F 55 31.74 -22.53 -8.95
N GLY F 56 31.36 -21.29 -9.22
CA GLY F 56 31.31 -20.81 -10.59
C GLY F 56 32.67 -20.85 -11.23
N ASN F 57 33.71 -20.46 -10.50
CA ASN F 57 35.03 -20.49 -11.06
C ASN F 57 35.44 -21.89 -11.44
N ALA F 58 35.13 -22.85 -10.58
CA ALA F 58 35.47 -24.22 -10.84
C ALA F 58 34.75 -24.66 -12.11
N ALA F 59 33.48 -24.34 -12.28
CA ALA F 59 32.86 -24.72 -13.53
C ALA F 59 33.50 -24.00 -14.74
N ARG F 60 33.78 -22.72 -14.58
CA ARG F 60 34.37 -21.88 -15.64
C ARG F 60 35.84 -22.20 -15.92
N ASP F 61 36.54 -22.64 -14.86
CA ASP F 61 37.94 -23.09 -14.94
C ASP F 61 37.94 -24.57 -15.39
N ASN F 62 36.77 -25.05 -15.81
CA ASN F 62 36.60 -26.44 -16.26
C ASN F 62 35.39 -26.58 -17.23
N LYS F 63 35.28 -25.64 -18.18
CA LYS F 63 34.37 -25.70 -19.34
C LYS F 63 32.93 -26.17 -19.05
N LYS F 64 32.21 -25.42 -18.20
CA LYS F 64 30.81 -25.72 -17.90
C LYS F 64 29.96 -24.47 -17.64
N THR F 65 28.64 -24.64 -17.78
CA THR F 65 27.64 -23.62 -17.46
C THR F 65 26.45 -24.31 -16.76
N ARG F 66 26.79 -25.00 -15.68
CA ARG F 66 25.83 -25.48 -14.68
C ARG F 66 26.66 -25.86 -13.43
N ILE F 67 26.09 -25.62 -12.28
CA ILE F 67 26.76 -25.92 -11.06
C ILE F 67 26.04 -27.09 -10.46
N VAL F 68 26.83 -28.10 -10.18
CA VAL F 68 26.37 -29.32 -9.57
C VAL F 68 27.23 -29.59 -8.35
N PRO F 69 26.86 -30.56 -7.55
CA PRO F 69 27.48 -30.82 -6.26
C PRO F 69 28.98 -30.92 -6.23
N ARG F 70 29.62 -31.47 -7.24
CA ARG F 70 31.06 -31.54 -7.21
C ARG F 70 31.72 -30.16 -7.15
N HIS F 71 31.17 -29.18 -7.85
CA HIS F 71 31.74 -27.86 -7.88
C HIS F 71 31.78 -27.22 -6.53
N ILE F 72 30.68 -27.29 -5.82
CA ILE F 72 30.68 -26.73 -4.47
C ILE F 72 31.73 -27.53 -3.68
N GLN F 73 31.61 -28.88 -3.75
CA GLN F 73 32.59 -29.86 -3.17
C GLN F 73 34.05 -29.44 -3.40
N LEU F 74 34.38 -29.22 -4.64
CA LEU F 74 35.71 -28.80 -4.96
C LEU F 74 35.93 -27.45 -4.34
N ALA F 75 34.95 -26.57 -4.47
CA ALA F 75 35.17 -25.25 -3.97
C ALA F 75 35.39 -25.17 -2.48
N VAL F 76 34.52 -25.81 -1.74
CA VAL F 76 34.62 -25.74 -0.30
C VAL F 76 35.86 -26.38 0.19
N ARG F 77 36.16 -27.53 -0.40
CA ARG F 77 37.29 -28.34 -0.05
C ARG F 77 38.57 -27.60 -0.30
N ASN F 78 38.62 -26.91 -1.41
CA ASN F 78 39.78 -26.14 -1.75
C ASN F 78 40.03 -25.01 -0.80
N ASP F 79 38.96 -24.40 -0.30
CA ASP F 79 39.16 -23.23 0.57
C ASP F 79 39.33 -23.49 2.06
N GLU F 80 40.44 -22.99 2.57
CA GLU F 80 40.81 -23.15 3.95
C GLU F 80 39.85 -22.50 4.92
N GLU F 81 39.37 -21.32 4.59
CA GLU F 81 38.44 -20.64 5.45
C GLU F 81 37.14 -21.38 5.52
N LEU F 82 36.63 -21.78 4.36
CA LEU F 82 35.37 -22.47 4.24
C LEU F 82 35.27 -23.89 4.78
N SER F 83 36.29 -24.70 4.53
CA SER F 83 36.27 -26.06 4.98
C SER F 83 36.22 -26.01 6.48
N LYS F 84 36.91 -25.07 7.07
CA LYS F 84 36.82 -24.89 8.48
C LYS F 84 35.39 -24.50 8.84
N LEU F 85 34.74 -23.66 8.04
CA LEU F 85 33.37 -23.31 8.35
C LEU F 85 32.28 -24.34 8.15
N LEU F 86 32.27 -25.02 7.02
CA LEU F 86 31.19 -25.98 6.80
C LEU F 86 31.62 -27.42 6.68
N GLY F 87 32.90 -27.69 6.81
CA GLY F 87 33.35 -29.06 6.73
C GLY F 87 33.32 -29.62 5.33
N ASP F 88 33.32 -30.94 5.24
CA ASP F 88 33.29 -31.66 3.97
C ASP F 88 31.93 -31.69 3.35
N VAL F 89 31.88 -31.71 2.04
CA VAL F 89 30.61 -31.70 1.36
C VAL F 89 30.28 -33.06 0.87
N THR F 90 29.07 -33.53 1.13
CA THR F 90 28.73 -34.88 0.72
C THR F 90 27.68 -34.98 -0.38
N ILE F 91 28.09 -35.39 -1.57
CA ILE F 91 27.15 -35.52 -2.64
C ILE F 91 26.15 -36.61 -2.28
N GLY G 11 0.05 -19.80 -10.48
CA GLY G 11 -1.32 -20.39 -10.32
C GLY G 11 -2.34 -19.68 -11.20
N LEU G 12 -3.50 -19.35 -10.67
CA LEU G 12 -4.58 -18.79 -11.49
C LEU G 12 -4.43 -17.32 -11.81
N GLN G 13 -4.49 -17.02 -13.10
CA GLN G 13 -4.32 -15.65 -13.58
C GLN G 13 -5.57 -14.87 -13.95
N PHE G 14 -6.74 -15.46 -13.84
CA PHE G 14 -7.92 -14.70 -14.22
C PHE G 14 -8.26 -13.57 -13.28
N PRO G 15 -9.00 -12.56 -13.75
CA PRO G 15 -9.32 -11.46 -12.85
C PRO G 15 -10.63 -11.67 -12.15
N VAL G 16 -10.54 -11.89 -10.86
CA VAL G 16 -11.67 -12.11 -9.93
C VAL G 16 -12.36 -10.79 -9.51
N GLY G 17 -11.59 -9.73 -9.35
CA GLY G 17 -12.13 -8.44 -8.96
C GLY G 17 -13.11 -8.00 -10.00
N ARG G 18 -12.72 -8.22 -11.28
CA ARG G 18 -13.52 -7.81 -12.43
C ARG G 18 -14.83 -8.58 -12.52
N ILE G 19 -14.72 -9.90 -12.50
CA ILE G 19 -15.87 -10.81 -12.47
C ILE G 19 -16.85 -10.51 -11.33
N ALA G 20 -16.32 -10.16 -10.15
CA ALA G 20 -17.16 -9.68 -9.06
C ALA G 20 -18.02 -8.47 -9.46
N ARG G 21 -17.42 -7.50 -10.15
CA ARG G 21 -18.20 -6.29 -10.53
C ARG G 21 -19.15 -6.50 -11.72
N PHE G 22 -18.80 -7.38 -12.66
CA PHE G 22 -19.79 -7.84 -13.66
C PHE G 22 -20.93 -8.59 -12.97
N LEU G 23 -20.59 -9.46 -12.00
CA LEU G 23 -21.65 -10.21 -11.28
C LEU G 23 -22.72 -9.36 -10.57
N LYS G 24 -22.44 -8.08 -10.29
CA LYS G 24 -23.47 -7.18 -9.71
C LYS G 24 -23.99 -6.10 -10.67
N ALA G 25 -23.17 -5.82 -11.67
CA ALA G 25 -23.46 -4.84 -12.73
C ALA G 25 -24.56 -5.23 -13.74
N GLY G 26 -24.74 -6.53 -14.01
CA GLY G 26 -25.78 -7.01 -14.94
C GLY G 26 -27.12 -7.45 -14.32
N LYS G 27 -27.29 -7.14 -13.03
CA LYS G 27 -28.44 -7.55 -12.26
C LYS G 27 -28.80 -9.01 -12.58
N TYR G 28 -27.91 -9.87 -12.15
CA TYR G 28 -28.18 -11.26 -12.00
C TYR G 28 -28.75 -11.40 -10.58
N ALA G 29 -28.10 -10.71 -9.65
CA ALA G 29 -28.50 -10.61 -8.26
C ALA G 29 -27.97 -9.31 -7.69
N GLU G 30 -28.57 -8.83 -6.60
CA GLU G 30 -28.08 -7.62 -5.89
C GLU G 30 -27.09 -7.93 -4.79
N ARG G 31 -27.14 -9.15 -4.29
CA ARG G 31 -26.25 -9.59 -3.24
C ARG G 31 -25.38 -10.70 -3.79
N VAL G 32 -24.07 -10.63 -3.58
CA VAL G 32 -23.18 -11.71 -4.00
C VAL G 32 -22.09 -12.08 -3.00
N GLY G 33 -22.03 -13.34 -2.55
CA GLY G 33 -20.94 -13.84 -1.68
C GLY G 33 -19.58 -13.75 -2.31
N ALA G 34 -18.51 -13.55 -1.57
CA ALA G 34 -17.19 -13.36 -2.19
C ALA G 34 -16.62 -14.62 -2.78
N GLY G 35 -17.14 -15.76 -2.34
CA GLY G 35 -16.91 -17.03 -3.00
C GLY G 35 -17.34 -16.96 -4.47
N ALA G 36 -18.55 -16.50 -4.71
CA ALA G 36 -19.14 -16.55 -6.04
C ALA G 36 -18.21 -16.07 -7.14
N PRO G 37 -17.61 -14.89 -7.02
CA PRO G 37 -16.66 -14.53 -8.12
C PRO G 37 -15.32 -15.31 -8.17
N VAL G 38 -14.74 -15.62 -7.02
CA VAL G 38 -13.55 -16.48 -6.98
C VAL G 38 -13.83 -17.75 -7.78
N TYR G 39 -14.90 -18.45 -7.40
CA TYR G 39 -15.27 -19.73 -8.01
C TYR G 39 -15.50 -19.63 -9.53
N LEU G 40 -16.29 -18.63 -9.93
CA LEU G 40 -16.61 -18.39 -11.32
C LEU G 40 -15.35 -18.16 -12.13
N ALA G 41 -14.53 -17.19 -11.71
CA ALA G 41 -13.21 -16.93 -12.33
C ALA G 41 -12.37 -18.17 -12.57
N ALA G 42 -12.39 -19.08 -11.61
CA ALA G 42 -11.65 -20.32 -11.72
C ALA G 42 -12.20 -21.17 -12.86
N VAL G 43 -13.53 -21.32 -12.91
CA VAL G 43 -14.22 -22.05 -13.97
C VAL G 43 -13.98 -21.45 -15.37
N LEU G 44 -14.17 -20.16 -15.54
CA LEU G 44 -13.90 -19.51 -16.82
C LEU G 44 -12.47 -19.77 -17.25
N GLU G 45 -11.53 -19.51 -16.35
CA GLU G 45 -10.10 -19.73 -16.61
C GLU G 45 -9.80 -21.17 -17.02
N TYR G 46 -10.51 -22.13 -16.44
CA TYR G 46 -10.35 -23.54 -16.83
C TYR G 46 -10.70 -23.72 -18.31
N LEU G 47 -11.75 -23.05 -18.76
CA LEU G 47 -12.19 -23.14 -20.14
C LEU G 47 -11.21 -22.43 -21.07
N ALA G 48 -10.75 -21.24 -20.69
CA ALA G 48 -9.70 -20.56 -21.48
C ALA G 48 -8.46 -21.41 -21.55
N ALA G 49 -8.22 -22.21 -20.52
CA ALA G 49 -7.13 -23.17 -20.55
C ALA G 49 -7.43 -24.27 -21.57
N GLU G 50 -8.26 -25.28 -21.23
CA GLU G 50 -8.63 -26.40 -22.14
C GLU G 50 -8.74 -26.08 -23.65
N VAL G 51 -9.44 -24.99 -23.98
CA VAL G 51 -9.59 -24.51 -25.37
C VAL G 51 -8.26 -24.12 -26.00
N LEU G 52 -7.54 -23.18 -25.38
CA LEU G 52 -6.19 -22.77 -25.83
C LEU G 52 -5.17 -23.93 -25.94
N GLU G 53 -5.35 -24.98 -25.15
CA GLU G 53 -4.48 -26.16 -25.22
C GLU G 53 -4.61 -26.85 -26.57
N LEU G 54 -5.85 -27.10 -26.92
CA LEU G 54 -6.20 -27.73 -28.16
C LEU G 54 -5.82 -26.86 -29.33
N ALA G 55 -6.00 -25.56 -29.17
CA ALA G 55 -5.68 -24.66 -30.26
C ALA G 55 -4.23 -24.74 -30.62
N GLY G 56 -3.34 -24.82 -29.64
CA GLY G 56 -1.93 -24.95 -29.93
C GLY G 56 -1.66 -26.25 -30.66
N ASN G 57 -2.31 -27.32 -30.21
CA ASN G 57 -2.18 -28.62 -30.83
C ASN G 57 -2.66 -28.61 -32.30
N ALA G 58 -3.69 -27.86 -32.59
CA ALA G 58 -4.19 -27.74 -33.93
C ALA G 58 -3.04 -27.14 -34.71
N ALA G 59 -2.31 -26.23 -34.09
CA ALA G 59 -1.09 -25.64 -34.71
C ALA G 59 0.13 -26.62 -34.83
N ARG G 60 0.06 -27.76 -34.15
CA ARG G 60 1.05 -28.85 -34.30
C ARG G 60 0.99 -29.44 -35.68
N ASP G 61 -0.12 -30.10 -36.02
CA ASP G 61 -0.32 -30.64 -37.38
C ASP G 61 -0.46 -29.56 -38.50
N ASN G 62 -0.29 -28.28 -38.15
CA ASN G 62 -0.14 -27.17 -39.11
C ASN G 62 1.30 -26.67 -39.21
N LYS G 63 2.16 -27.02 -38.24
CA LYS G 63 3.55 -26.55 -38.17
C LYS G 63 3.53 -25.00 -38.14
N LYS G 64 3.13 -24.46 -36.99
CA LYS G 64 3.14 -23.01 -36.74
C LYS G 64 3.52 -22.64 -35.32
N THR G 65 4.04 -21.42 -35.19
CA THR G 65 4.10 -20.69 -33.92
C THR G 65 3.22 -19.46 -34.09
N ARG G 66 1.94 -19.75 -34.26
CA ARG G 66 0.85 -18.79 -34.05
C ARG G 66 -0.43 -19.59 -33.87
N ILE G 67 -1.49 -18.90 -33.45
CA ILE G 67 -2.86 -19.42 -33.48
C ILE G 67 -3.71 -18.43 -34.27
N VAL G 68 -4.55 -19.00 -35.14
CA VAL G 68 -5.45 -18.26 -36.04
C VAL G 68 -6.83 -18.93 -35.98
N PRO G 69 -7.89 -18.18 -36.30
CA PRO G 69 -9.24 -18.66 -36.08
C PRO G 69 -9.49 -20.14 -36.43
N ARG G 70 -9.03 -20.55 -37.61
CA ARG G 70 -9.20 -21.94 -38.07
C ARG G 70 -8.76 -23.01 -37.02
N HIS G 71 -7.78 -22.64 -36.19
CA HIS G 71 -7.19 -23.54 -35.18
C HIS G 71 -8.15 -23.87 -34.07
N ILE G 72 -8.79 -22.80 -33.57
CA ILE G 72 -9.79 -22.90 -32.50
C ILE G 72 -10.99 -23.69 -33.05
N GLN G 73 -11.45 -23.27 -34.22
CA GLN G 73 -12.55 -23.92 -34.97
C GLN G 73 -12.37 -25.44 -35.06
N LEU G 74 -11.19 -25.87 -35.48
CA LEU G 74 -10.83 -27.29 -35.51
C LEU G 74 -10.97 -27.84 -34.10
N ALA G 75 -10.27 -27.19 -33.18
CA ALA G 75 -10.11 -27.65 -31.81
C ALA G 75 -11.44 -27.87 -31.09
N VAL G 76 -12.34 -26.87 -31.19
CA VAL G 76 -13.68 -26.92 -30.60
C VAL G 76 -14.42 -28.16 -31.08
N ARG G 77 -14.60 -28.20 -32.40
CA ARG G 77 -15.52 -29.13 -33.07
C ARG G 77 -15.08 -30.58 -32.96
N ASN G 78 -13.78 -30.78 -33.00
CA ASN G 78 -13.18 -32.06 -32.67
C ASN G 78 -13.50 -32.51 -31.24
N ASP G 79 -13.43 -31.58 -30.28
CA ASP G 79 -13.86 -31.88 -28.90
C ASP G 79 -15.40 -31.91 -28.84
N GLU G 80 -15.93 -33.09 -28.54
CA GLU G 80 -17.37 -33.30 -28.45
C GLU G 80 -17.95 -32.52 -27.27
N GLU G 81 -17.17 -32.43 -26.20
CA GLU G 81 -17.52 -31.69 -24.98
C GLU G 81 -17.77 -30.21 -25.30
N LEU G 82 -16.72 -29.56 -25.81
CA LEU G 82 -16.70 -28.14 -26.06
C LEU G 82 -17.79 -27.75 -27.07
N SER G 83 -17.93 -28.49 -28.16
CA SER G 83 -18.96 -28.17 -29.17
C SER G 83 -20.39 -28.05 -28.56
N LYS G 84 -20.70 -28.94 -27.63
CA LYS G 84 -21.96 -28.87 -26.95
C LYS G 84 -22.00 -27.63 -26.07
N LEU G 85 -20.85 -27.07 -25.77
CA LEU G 85 -20.84 -25.89 -24.95
C LEU G 85 -20.78 -24.59 -25.70
N LEU G 86 -19.89 -24.48 -26.66
CA LEU G 86 -19.77 -23.23 -27.38
C LEU G 86 -20.30 -23.19 -28.79
N GLY G 87 -20.90 -24.28 -29.24
CA GLY G 87 -21.42 -24.35 -30.60
C GLY G 87 -20.35 -24.41 -31.65
N ASP G 88 -20.69 -24.63 -32.90
CA ASP G 88 -19.67 -24.69 -33.95
C ASP G 88 -19.09 -23.32 -34.03
N VAL G 89 -17.76 -23.24 -34.09
CA VAL G 89 -17.15 -21.95 -34.08
C VAL G 89 -17.27 -21.26 -35.41
N THR G 90 -17.82 -20.06 -35.39
CA THR G 90 -17.90 -19.31 -36.61
C THR G 90 -16.60 -18.58 -36.79
N ILE G 91 -16.39 -18.13 -38.03
CA ILE G 91 -15.23 -17.39 -38.46
C ILE G 91 -15.54 -16.90 -39.86
N GLU H 9 22.58 21.36 21.26
CA GLU H 9 21.93 20.45 20.24
C GLU H 9 20.39 20.67 20.17
N THR H 10 19.89 20.84 18.96
CA THR H 10 18.55 21.33 18.77
C THR H 10 17.81 20.60 17.66
N TYR H 11 16.50 20.54 17.71
CA TYR H 11 15.76 19.87 16.66
C TYR H 11 15.24 20.82 15.65
N LYS H 12 15.60 22.07 15.72
CA LYS H 12 15.05 23.07 14.86
C LYS H 12 15.20 22.89 13.36
N ILE H 13 16.32 22.40 12.87
CA ILE H 13 16.44 22.19 11.45
C ILE H 13 15.40 21.20 10.97
N TYR H 14 15.27 20.10 11.69
CA TYR H 14 14.35 19.05 11.37
C TYR H 14 12.92 19.50 11.44
N ILE H 15 12.60 20.19 12.50
CA ILE H 15 11.30 20.86 12.64
C ILE H 15 10.98 21.75 11.43
N PHE H 16 11.95 22.56 11.03
CA PHE H 16 11.79 23.48 9.89
C PHE H 16 11.62 22.74 8.56
N LYS H 17 12.23 21.57 8.42
CA LYS H 17 12.11 20.76 7.21
C LYS H 17 10.72 20.17 7.11
N VAL H 18 10.29 19.58 8.23
CA VAL H 18 8.91 19.12 8.41
C VAL H 18 7.92 20.26 8.13
N LEU H 19 8.18 21.45 8.68
CA LEU H 19 7.31 22.59 8.37
C LEU H 19 7.20 22.86 6.86
N LYS H 20 8.32 22.88 6.16
CA LYS H 20 8.31 23.18 4.72
C LYS H 20 7.59 22.14 3.89
N GLN H 21 7.47 20.92 4.41
CA GLN H 21 6.69 19.88 3.79
C GLN H 21 5.20 20.12 3.94
N VAL H 22 4.71 20.33 5.17
CA VAL H 22 3.27 20.47 5.37
C VAL H 22 2.72 21.85 4.91
N HIS H 23 3.49 22.92 5.12
CA HIS H 23 3.07 24.29 4.86
C HIS H 23 4.20 25.04 4.22
N PRO H 24 4.44 24.75 2.93
CA PRO H 24 5.63 25.26 2.22
C PRO H 24 5.75 26.77 2.16
N ASP H 25 4.60 27.43 2.18
CA ASP H 25 4.54 28.89 2.11
C ASP H 25 4.26 29.59 3.44
N ILE H 26 4.53 28.93 4.55
CA ILE H 26 4.36 29.60 5.82
C ILE H 26 5.65 29.51 6.62
N GLY H 27 6.02 30.60 7.28
CA GLY H 27 7.23 30.67 8.07
C GLY H 27 6.92 30.48 9.53
N ILE H 28 7.88 30.82 10.40
CA ILE H 28 7.73 30.61 11.85
C ILE H 28 8.65 31.52 12.67
N SER H 29 8.14 32.19 13.69
CA SER H 29 8.94 33.12 14.50
C SER H 29 9.96 32.39 15.36
N SER H 30 10.86 33.14 15.98
CA SER H 30 11.86 32.53 16.89
C SER H 30 11.20 31.98 18.12
N LYS H 31 10.32 32.77 18.73
CA LYS H 31 9.62 32.31 19.93
C LYS H 31 8.82 31.05 19.64
N ALA H 32 8.23 31.00 18.44
CA ALA H 32 7.38 29.87 18.04
C ALA H 32 8.20 28.62 17.77
N MET H 33 9.33 28.80 17.10
CA MET H 33 10.27 27.70 16.91
C MET H 33 10.92 27.17 18.20
N GLY H 34 11.04 28.01 19.21
CA GLY H 34 11.58 27.58 20.48
C GLY H 34 10.57 26.79 21.26
N ILE H 35 9.27 27.13 21.07
CA ILE H 35 8.17 26.36 21.67
C ILE H 35 8.13 24.98 21.01
N MET H 36 8.23 24.94 19.69
CA MET H 36 8.29 23.68 19.03
C MET H 36 9.46 22.81 19.54
N ASN H 37 10.63 23.42 19.70
CA ASN H 37 11.80 22.66 20.07
C ASN H 37 11.72 22.08 21.48
N SER H 38 11.15 22.82 22.40
CA SER H 38 11.00 22.31 23.75
C SER H 38 10.01 21.21 23.84
N PHE H 39 8.97 21.34 23.02
CA PHE H 39 7.94 20.35 22.93
C PHE H 39 8.53 18.98 22.58
N ILE H 40 9.35 18.92 21.54
CA ILE H 40 10.00 17.69 21.13
C ILE H 40 11.01 17.21 22.17
N ASN H 41 11.83 18.12 22.68
CA ASN H 41 12.67 17.78 23.84
C ASN H 41 11.89 17.10 24.96
N ASP H 42 10.71 17.65 25.29
CA ASP H 42 9.92 17.21 26.42
C ASP H 42 9.23 15.89 26.15
N ILE H 43 8.90 15.61 24.90
CA ILE H 43 8.31 14.31 24.53
C ILE H 43 9.42 13.28 24.48
N PHE H 44 10.58 13.65 24.00
CA PHE H 44 11.65 12.70 23.99
C PHE H 44 11.99 12.29 25.38
N GLU H 45 12.02 13.22 26.31
CA GLU H 45 12.32 12.87 27.66
C GLU H 45 11.28 11.97 28.23
N LYS H 46 10.03 12.27 28.00
CA LYS H 46 9.01 11.43 28.55
C LYS H 46 9.05 10.06 27.97
N LEU H 47 9.23 9.94 26.68
CA LEU H 47 9.30 8.62 26.10
C LEU H 47 10.52 7.86 26.52
N ALA H 48 11.61 8.55 26.59
CA ALA H 48 12.82 7.92 27.01
C ALA H 48 12.76 7.45 28.44
N GLN H 49 12.25 8.27 29.33
CA GLN H 49 12.18 7.85 30.70
C GLN H 49 11.26 6.68 30.95
N GLU H 50 10.13 6.68 30.27
CA GLU H 50 9.18 5.60 30.35
C GLU H 50 9.76 4.34 29.75
N SER H 51 10.51 4.46 28.67
CA SER H 51 11.14 3.31 28.02
C SER H 51 12.14 2.61 28.93
N SER H 52 12.99 3.42 29.53
CA SER H 52 13.92 2.97 30.55
C SER H 52 13.22 2.27 31.71
N LYS H 53 12.17 2.84 32.25
CA LYS H 53 11.46 2.10 33.30
C LYS H 53 11.16 0.67 32.80
N LEU H 54 10.65 0.59 31.57
CA LEU H 54 10.20 -0.67 30.96
C LEU H 54 11.28 -1.65 30.49
N ALA H 55 12.51 -1.16 30.34
CA ALA H 55 13.67 -2.00 30.07
C ALA H 55 14.30 -2.44 31.39
N ARG H 56 14.58 -1.48 32.27
CA ARG H 56 15.16 -1.69 33.60
C ARG H 56 14.70 -3.00 34.22
N TYR H 57 13.40 -3.17 34.35
CA TYR H 57 12.76 -4.32 35.04
C TYR H 57 12.83 -5.66 34.27
N ASN H 58 12.99 -5.63 32.95
CA ASN H 58 12.84 -6.80 32.10
C ASN H 58 14.16 -7.51 32.10
N LYS H 59 14.16 -8.75 32.57
CA LYS H 59 15.42 -9.45 32.87
C LYS H 59 15.77 -10.49 31.81
N LYS H 60 14.91 -10.61 30.79
CA LYS H 60 15.00 -11.58 29.71
C LYS H 60 16.08 -11.22 28.68
N PRO H 61 16.86 -12.20 28.22
CA PRO H 61 17.89 -11.95 27.24
C PRO H 61 17.38 -11.35 25.95
N THR H 62 18.21 -10.50 25.36
CA THR H 62 17.92 -9.82 24.11
C THR H 62 19.06 -10.05 23.15
N ILE H 63 18.75 -10.33 21.90
CA ILE H 63 19.78 -10.53 20.89
C ILE H 63 19.76 -9.28 20.07
N THR H 64 20.76 -8.45 20.22
CA THR H 64 20.87 -7.31 19.37
C THR H 64 21.95 -7.58 18.35
N SER H 65 22.25 -6.62 17.47
CA SER H 65 23.30 -6.78 16.48
C SER H 65 24.69 -6.93 17.08
N ARG H 66 24.92 -6.34 18.23
CA ARG H 66 26.13 -6.46 18.95
C ARG H 66 26.37 -7.93 19.29
N GLU H 67 25.35 -8.68 19.66
CA GLU H 67 25.55 -10.12 19.91
C GLU H 67 25.80 -10.92 18.63
N ILE H 68 25.04 -10.63 17.57
CA ILE H 68 25.21 -11.26 16.25
C ILE H 68 26.61 -11.02 15.73
N GLN H 69 27.11 -9.80 15.84
CA GLN H 69 28.47 -9.51 15.39
C GLN H 69 29.55 -10.27 16.19
N THR H 70 29.42 -10.34 17.49
CA THR H 70 30.38 -11.08 18.27
C THR H 70 30.30 -12.51 17.81
N ALA H 71 29.10 -12.97 17.51
CA ALA H 71 28.91 -14.33 17.07
C ALA H 71 29.64 -14.58 15.80
N VAL H 72 29.57 -13.66 14.87
CA VAL H 72 30.26 -13.84 13.61
C VAL H 72 31.74 -13.88 13.80
N ARG H 73 32.26 -13.06 14.70
CA ARG H 73 33.65 -13.05 14.99
C ARG H 73 34.06 -14.41 15.55
N LEU H 74 33.28 -14.95 16.44
CA LEU H 74 33.53 -16.25 17.04
C LEU H 74 33.44 -17.49 16.17
N VAL H 75 32.51 -17.47 15.24
CA VAL H 75 32.14 -18.65 14.44
C VAL H 75 32.76 -18.64 13.04
N LEU H 76 32.86 -17.48 12.41
CA LEU H 76 33.57 -17.38 11.11
C LEU H 76 35.11 -17.29 11.28
N PRO H 77 35.88 -18.09 10.53
CA PRO H 77 37.33 -17.97 10.70
C PRO H 77 37.97 -16.83 9.85
N GLY H 78 38.94 -16.12 10.44
CA GLY H 78 39.80 -15.15 9.72
C GLY H 78 39.17 -14.17 8.72
N GLU H 79 39.71 -14.13 7.49
CA GLU H 79 39.16 -13.42 6.32
C GLU H 79 37.66 -13.39 6.40
N LEU H 80 37.06 -14.57 6.56
CA LEU H 80 35.60 -14.71 6.58
C LEU H 80 34.86 -13.83 7.66
N ALA H 81 35.42 -13.74 8.87
CA ALA H 81 34.84 -12.88 9.93
C ALA H 81 34.99 -11.35 9.67
N LYS H 82 36.19 -10.90 9.32
CA LYS H 82 36.45 -9.47 9.04
C LYS H 82 35.56 -8.95 7.89
N HIS H 83 35.40 -9.78 6.85
CA HIS H 83 34.52 -9.50 5.70
C HIS H 83 33.02 -9.65 5.97
N ALA H 84 32.66 -10.54 6.88
CA ALA H 84 31.25 -10.72 7.29
C ALA H 84 30.79 -9.55 8.15
N VAL H 85 31.67 -9.17 9.09
CA VAL H 85 31.51 -7.97 9.91
C VAL H 85 31.48 -6.67 9.09
N SER H 86 32.03 -6.66 7.87
CA SER H 86 31.83 -5.52 6.97
C SER H 86 30.40 -5.55 6.44
N GLU H 87 30.03 -6.61 5.71
CA GLU H 87 28.68 -6.68 5.10
C GLU H 87 27.50 -6.45 6.04
N GLY H 88 27.64 -6.95 7.26
CA GLY H 88 26.65 -6.76 8.29
C GLY H 88 26.60 -5.36 8.82
N THR H 89 27.77 -4.79 9.05
CA THR H 89 27.86 -3.46 9.56
C THR H 89 27.32 -2.50 8.56
N LYS H 90 27.64 -2.69 7.31
CA LYS H 90 27.13 -1.79 6.31
C LYS H 90 25.64 -1.87 6.24
N ALA H 91 25.08 -3.05 6.28
CA ALA H 91 23.64 -3.19 6.22
C ALA H 91 22.97 -2.53 7.41
N VAL H 92 23.54 -2.70 8.57
CA VAL H 92 22.95 -2.09 9.73
C VAL H 92 23.04 -0.59 9.71
N THR H 93 24.14 -0.06 9.20
CA THR H 93 24.32 1.37 9.11
C THR H 93 23.51 2.15 8.11
N LYS H 94 23.40 1.67 6.89
CA LYS H 94 22.62 2.34 5.84
C LYS H 94 21.36 1.52 5.50
N THR I 10 13.44 -21.49 3.94
CA THR I 10 13.79 -22.26 2.72
C THR I 10 14.37 -21.34 1.65
N TYR I 11 15.59 -20.90 1.85
CA TYR I 11 16.16 -19.78 1.06
C TYR I 11 16.61 -20.16 -0.34
N LYS I 12 15.74 -20.85 -1.06
CA LYS I 12 16.12 -21.39 -2.34
C LYS I 12 16.11 -20.25 -3.36
N ILE I 13 14.99 -19.54 -3.37
CA ILE I 13 14.84 -18.43 -4.34
C ILE I 13 15.87 -17.26 -4.21
N TYR I 14 16.40 -17.02 -3.01
CA TYR I 14 17.31 -15.89 -2.78
C TYR I 14 18.75 -16.22 -3.08
N ILE I 15 19.11 -17.48 -2.84
CA ILE I 15 20.39 -18.02 -3.28
C ILE I 15 20.45 -17.88 -4.80
N PHE I 16 19.43 -18.44 -5.48
CA PHE I 16 19.18 -18.29 -6.94
C PHE I 16 19.66 -16.90 -7.43
N LYS I 17 19.20 -15.87 -6.71
CA LYS I 17 19.45 -14.44 -7.06
C LYS I 17 20.88 -13.93 -6.83
N VAL I 18 21.64 -14.55 -5.94
CA VAL I 18 23.03 -14.14 -5.68
C VAL I 18 23.92 -14.76 -6.73
N LEU I 19 23.52 -15.96 -7.17
CA LEU I 19 24.14 -16.68 -8.28
C LEU I 19 24.07 -15.82 -9.53
N LYS I 20 22.86 -15.41 -9.90
CA LYS I 20 22.61 -14.58 -11.10
C LYS I 20 23.41 -13.27 -11.13
N GLN I 21 24.01 -12.86 -10.01
CA GLN I 21 24.75 -11.58 -9.90
C GLN I 21 26.26 -11.65 -9.61
N VAL I 22 26.81 -12.84 -9.45
CA VAL I 22 28.27 -13.07 -9.65
C VAL I 22 28.56 -13.94 -10.91
N HIS I 23 27.58 -14.77 -11.31
CA HIS I 23 27.63 -15.62 -12.50
C HIS I 23 26.19 -15.74 -13.11
N PRO I 24 25.83 -14.84 -14.06
CA PRO I 24 24.41 -14.70 -14.50
C PRO I 24 23.86 -15.84 -15.36
N ASP I 25 24.67 -16.31 -16.31
CA ASP I 25 24.29 -17.35 -17.29
C ASP I 25 24.78 -18.76 -16.89
N ILE I 26 25.39 -18.86 -15.71
CA ILE I 26 25.59 -20.14 -14.99
C ILE I 26 24.28 -20.57 -14.32
N GLY I 27 24.05 -21.90 -14.26
CA GLY I 27 22.90 -22.49 -13.55
C GLY I 27 23.25 -23.23 -12.25
N ILE I 28 22.25 -23.93 -11.73
CA ILE I 28 22.34 -24.64 -10.46
C ILE I 28 21.69 -26.03 -10.51
N SER I 29 22.25 -26.98 -9.77
CA SER I 29 21.80 -28.40 -9.76
C SER I 29 20.36 -28.65 -9.26
N SER I 30 19.81 -29.81 -9.62
CA SER I 30 18.51 -30.23 -9.10
C SER I 30 18.61 -30.40 -7.58
N LYS I 31 19.71 -31.00 -7.12
CA LYS I 31 20.03 -31.10 -5.67
C LYS I 31 21.16 -30.18 -5.10
N ALA I 32 21.88 -29.44 -5.96
CA ALA I 32 22.98 -28.47 -5.53
C ALA I 32 22.41 -27.25 -4.84
N MET I 33 21.16 -26.91 -5.20
CA MET I 33 20.42 -25.86 -4.51
C MET I 33 20.11 -26.32 -3.11
N GLY I 34 19.63 -27.55 -2.98
CA GLY I 34 19.41 -28.16 -1.66
C GLY I 34 20.67 -28.21 -0.79
N ILE I 35 21.83 -28.39 -1.39
CA ILE I 35 23.08 -28.31 -0.65
C ILE I 35 23.38 -26.91 -0.18
N MET I 36 23.21 -25.98 -1.09
CA MET I 36 23.47 -24.58 -0.82
C MET I 36 22.52 -24.09 0.23
N ASN I 37 21.28 -24.46 0.10
CA ASN I 37 20.27 -24.12 1.07
C ASN I 37 20.57 -24.77 2.39
N SER I 38 21.06 -26.01 2.36
CA SER I 38 21.43 -26.74 3.54
C SER I 38 22.49 -26.05 4.33
N PHE I 39 23.49 -25.42 3.70
CA PHE I 39 24.42 -24.69 4.57
C PHE I 39 24.10 -23.32 5.09
N ILE I 40 23.11 -22.66 4.54
CA ILE I 40 22.58 -21.42 5.12
C ILE I 40 21.91 -21.82 6.43
N ASN I 41 21.00 -22.79 6.38
CA ASN I 41 20.42 -23.31 7.61
C ASN I 41 21.50 -23.63 8.64
N ASP I 42 22.62 -24.23 8.22
CA ASP I 42 23.62 -24.66 9.16
C ASP I 42 24.20 -23.48 9.87
N ILE I 43 24.59 -22.47 9.12
CA ILE I 43 25.25 -21.29 9.71
C ILE I 43 24.26 -20.40 10.43
N PHE I 44 22.99 -20.47 10.05
CA PHE I 44 21.98 -19.68 10.73
C PHE I 44 21.85 -20.22 12.13
N GLU I 45 21.59 -21.52 12.21
CA GLU I 45 21.46 -22.23 13.47
C GLU I 45 22.77 -22.06 14.35
N LYS I 46 23.95 -22.07 13.73
CA LYS I 46 25.23 -21.91 14.46
C LYS I 46 25.38 -20.52 15.11
N LEU I 47 25.18 -19.50 14.28
CA LEU I 47 25.24 -18.10 14.70
C LEU I 47 24.16 -17.73 15.72
N ALA I 48 22.92 -18.07 15.39
CA ALA I 48 21.77 -17.96 16.30
C ALA I 48 22.07 -18.55 17.68
N GLN I 49 22.65 -19.74 17.74
CA GLN I 49 22.99 -20.34 19.03
C GLN I 49 24.12 -19.59 19.76
N GLU I 50 25.13 -19.16 19.01
CA GLU I 50 26.12 -18.25 19.56
C GLU I 50 25.48 -16.96 20.12
N SER I 51 24.72 -16.27 19.25
CA SER I 51 23.90 -15.11 19.64
C SER I 51 23.11 -15.36 20.90
N SER I 52 22.48 -16.52 21.01
CA SER I 52 21.78 -16.91 22.24
C SER I 52 22.66 -17.02 23.49
N LYS I 53 23.71 -17.87 23.45
CA LYS I 53 24.69 -17.97 24.57
C LYS I 53 25.09 -16.56 25.01
N LEU I 54 25.48 -15.72 24.05
CA LEU I 54 25.93 -14.36 24.36
C LEU I 54 24.88 -13.52 25.04
N ALA I 55 23.69 -13.50 24.45
CA ALA I 55 22.61 -12.68 24.95
C ALA I 55 22.25 -13.01 26.39
N ARG I 56 22.20 -14.30 26.72
CA ARG I 56 21.86 -14.73 28.09
C ARG I 56 22.91 -14.32 29.07
N TYR I 57 24.12 -14.28 28.57
CA TYR I 57 25.30 -13.98 29.34
C TYR I 57 25.48 -12.53 29.73
N ASN I 58 25.06 -11.62 28.83
CA ASN I 58 25.12 -10.15 28.98
C ASN I 58 24.32 -9.42 30.03
N LYS I 59 23.06 -9.73 30.21
CA LYS I 59 22.31 -9.20 31.35
C LYS I 59 22.32 -7.71 31.65
N LYS I 60 22.32 -6.87 30.65
CA LYS I 60 22.13 -5.47 30.89
C LYS I 60 20.81 -5.12 30.27
N PRO I 61 20.06 -4.23 30.89
CA PRO I 61 18.77 -3.89 30.30
C PRO I 61 18.92 -3.24 28.96
N THR I 62 18.03 -3.59 28.05
CA THR I 62 18.08 -3.12 26.68
C THR I 62 16.79 -2.43 26.34
N ILE I 63 16.88 -1.38 25.55
CA ILE I 63 15.68 -0.74 25.03
C ILE I 63 15.49 -1.10 23.58
N THR I 64 14.43 -1.83 23.28
CA THR I 64 14.04 -2.05 21.87
C THR I 64 12.77 -1.27 21.56
N SER I 65 12.25 -1.50 20.36
CA SER I 65 11.07 -0.81 19.89
C SER I 65 9.82 -1.22 20.60
N ARG I 66 9.86 -2.35 21.29
CA ARG I 66 8.73 -2.78 22.11
C ARG I 66 8.54 -1.84 23.25
N GLU I 67 9.62 -1.42 23.82
CA GLU I 67 9.60 -0.48 24.88
C GLU I 67 9.13 0.84 24.38
N ILE I 68 9.56 1.25 23.22
CA ILE I 68 9.16 2.52 22.69
C ILE I 68 7.69 2.51 22.42
N GLN I 69 7.20 1.43 21.87
CA GLN I 69 5.77 1.31 21.58
C GLN I 69 4.90 1.23 22.81
N THR I 70 5.36 0.57 23.84
CA THR I 70 4.61 0.49 25.06
C THR I 70 4.50 1.83 25.68
N ALA I 71 5.60 2.56 25.65
CA ALA I 71 5.70 3.89 26.19
C ALA I 71 4.83 4.86 25.46
N VAL I 72 4.82 4.75 24.15
CA VAL I 72 4.01 5.61 23.36
C VAL I 72 2.57 5.40 23.69
N ARG I 73 2.12 4.18 23.81
CA ARG I 73 0.76 3.94 24.16
C ARG I 73 0.45 4.45 25.54
N LEU I 74 1.32 4.26 26.49
CA LEU I 74 1.03 4.74 27.81
C LEU I 74 0.93 6.25 27.95
N VAL I 75 1.85 6.96 27.31
CA VAL I 75 1.95 8.42 27.42
C VAL I 75 1.01 9.16 26.48
N LEU I 76 1.05 8.81 25.20
CA LEU I 76 0.16 9.42 24.22
C LEU I 76 -1.27 8.97 24.43
N PRO I 77 -2.22 9.90 24.23
CA PRO I 77 -3.63 9.64 24.39
C PRO I 77 -4.25 9.23 23.08
N GLY I 78 -5.40 8.56 23.20
CA GLY I 78 -6.37 8.43 22.11
C GLY I 78 -5.90 7.82 20.84
N GLU I 79 -6.38 8.34 19.73
CA GLU I 79 -5.98 7.86 18.43
C GLU I 79 -4.64 8.44 18.06
N LEU I 80 -4.30 9.54 18.71
CA LEU I 80 -3.02 10.15 18.44
C LEU I 80 -1.99 9.08 18.68
N ALA I 81 -2.19 8.32 19.74
CA ALA I 81 -1.25 7.27 20.09
C ALA I 81 -1.21 6.19 19.03
N LYS I 82 -2.37 5.74 18.59
CA LYS I 82 -2.43 4.82 17.47
C LYS I 82 -1.81 5.37 16.22
N HIS I 83 -2.00 6.62 15.89
CA HIS I 83 -1.33 7.14 14.69
C HIS I 83 0.20 7.08 14.84
N ALA I 84 0.70 7.36 16.03
CA ALA I 84 2.12 7.47 16.27
C ALA I 84 2.79 6.09 16.22
N VAL I 85 2.08 5.09 16.75
CA VAL I 85 2.48 3.70 16.66
C VAL I 85 2.47 3.22 15.20
N SER I 86 1.47 3.67 14.45
CA SER I 86 1.45 3.38 13.03
C SER I 86 2.74 3.92 12.37
N GLU I 87 3.09 5.17 12.62
CA GLU I 87 4.22 5.79 11.91
C GLU I 87 5.51 5.12 12.36
N GLY I 88 5.59 4.85 13.66
CA GLY I 88 6.73 4.15 14.28
C GLY I 88 7.01 2.84 13.59
N THR I 89 6.07 1.92 13.75
CA THR I 89 6.04 0.66 13.04
C THR I 89 6.39 0.73 11.54
N LYS I 90 5.83 1.67 10.79
CA LYS I 90 6.16 1.76 9.37
C LYS I 90 7.60 2.14 9.23
N ALA I 91 8.09 3.08 10.05
CA ALA I 91 9.50 3.52 9.91
C ALA I 91 10.47 2.39 10.14
N VAL I 92 10.21 1.53 11.13
CA VAL I 92 11.04 0.36 11.38
C VAL I 92 11.00 -0.62 10.22
N THR I 93 9.84 -0.85 9.65
CA THR I 93 9.72 -1.75 8.54
C THR I 93 10.51 -1.29 7.36
N LYS I 94 10.54 -0.02 7.07
CA LYS I 94 11.34 0.47 5.96
C LYS I 94 12.80 0.21 6.20
N PHE I 95 13.24 0.48 7.41
CA PHE I 95 14.61 0.31 7.80
C PHE I 95 15.01 -1.13 7.68
N THR I 96 14.14 -2.01 8.13
CA THR I 96 14.31 -3.43 8.05
C THR I 96 14.26 -3.99 6.64
N SER I 97 13.36 -3.49 5.80
CA SER I 97 13.14 -4.03 4.46
C SER I 97 13.80 -3.37 3.33
N SER I 98 14.63 -2.42 3.62
CA SER I 98 15.27 -1.65 2.50
C SER I 98 16.41 -2.41 1.81
N GLU J 9 -26.02 20.71 -11.40
CA GLU J 9 -27.19 20.92 -10.55
C GLU J 9 -27.35 19.93 -9.39
N THR J 10 -27.45 18.64 -9.67
CA THR J 10 -27.60 17.72 -8.59
C THR J 10 -26.59 16.63 -8.56
N TYR J 11 -26.10 16.32 -7.37
CA TYR J 11 -25.15 15.28 -7.19
C TYR J 11 -25.90 14.00 -7.11
N LYS J 12 -27.22 14.07 -7.07
CA LYS J 12 -28.04 12.86 -7.02
C LYS J 12 -27.48 11.66 -7.80
N ILE J 13 -27.04 11.85 -9.04
CA ILE J 13 -26.58 10.67 -9.83
C ILE J 13 -25.37 9.97 -9.15
N TYR J 14 -24.43 10.78 -8.67
CA TYR J 14 -23.15 10.33 -8.12
C TYR J 14 -23.34 9.71 -6.73
N ILE J 15 -24.15 10.40 -5.93
CA ILE J 15 -24.67 9.85 -4.68
C ILE J 15 -25.22 8.43 -4.83
N PHE J 16 -26.03 8.23 -5.88
CA PHE J 16 -26.59 6.92 -6.18
C PHE J 16 -25.51 5.91 -6.49
N LYS J 17 -24.48 6.31 -7.23
CA LYS J 17 -23.39 5.37 -7.57
C LYS J 17 -22.62 4.96 -6.35
N VAL J 18 -22.33 5.92 -5.47
CA VAL J 18 -21.68 5.65 -4.19
C VAL J 18 -22.57 4.68 -3.39
N LEU J 19 -23.87 4.94 -3.33
CA LEU J 19 -24.78 4.02 -2.65
C LEU J 19 -24.61 2.57 -3.11
N LYS J 20 -24.68 2.32 -4.41
CA LYS J 20 -24.58 0.94 -4.94
C LYS J 20 -23.25 0.30 -4.76
N GLN J 21 -22.24 1.06 -4.45
CA GLN J 21 -21.00 0.45 -4.07
C GLN J 21 -21.05 -0.11 -2.67
N VAL J 22 -21.56 0.71 -1.77
CA VAL J 22 -21.71 0.40 -0.36
C VAL J 22 -22.80 -0.57 0.10
N HIS J 23 -24.00 -0.36 -0.39
CA HIS J 23 -25.16 -1.14 -0.07
C HIS J 23 -25.86 -1.43 -1.36
N PRO J 24 -25.34 -2.36 -2.12
CA PRO J 24 -25.87 -2.64 -3.47
C PRO J 24 -27.32 -3.05 -3.48
N ASP J 25 -27.76 -3.72 -2.42
CA ASP J 25 -29.15 -4.16 -2.29
C ASP J 25 -30.07 -3.22 -1.53
N ILE J 26 -29.70 -1.97 -1.40
CA ILE J 26 -30.53 -1.04 -0.68
C ILE J 26 -30.76 0.20 -1.50
N GLY J 27 -31.99 0.69 -1.49
CA GLY J 27 -32.42 1.83 -2.27
C GLY J 27 -32.52 3.08 -1.46
N ILE J 28 -33.16 4.11 -2.02
CA ILE J 28 -33.29 5.41 -1.35
C ILE J 28 -34.46 6.21 -1.90
N SER J 29 -35.34 6.71 -1.03
CA SER J 29 -36.52 7.51 -1.45
C SER J 29 -36.12 8.82 -2.06
N SER J 30 -37.10 9.53 -2.63
CA SER J 30 -36.86 10.88 -3.15
C SER J 30 -36.57 11.83 -2.04
N LYS J 31 -37.41 11.80 -1.02
CA LYS J 31 -37.27 12.75 0.06
C LYS J 31 -35.84 12.63 0.63
N ALA J 32 -35.32 11.39 0.68
CA ALA J 32 -34.01 11.07 1.28
C ALA J 32 -32.83 11.45 0.39
N MET J 33 -32.92 11.05 -0.88
CA MET J 33 -31.96 11.50 -1.86
C MET J 33 -31.84 13.03 -1.93
N GLY J 34 -32.96 13.71 -1.73
CA GLY J 34 -32.98 15.15 -1.64
C GLY J 34 -32.21 15.66 -0.44
N ILE J 35 -32.31 14.98 0.69
CA ILE J 35 -31.55 15.33 1.86
C ILE J 35 -30.09 15.15 1.60
N MET J 36 -29.76 14.05 0.96
CA MET J 36 -28.39 13.79 0.67
C MET J 36 -27.80 14.82 -0.22
N ASN J 37 -28.52 15.20 -1.25
CA ASN J 37 -28.06 16.18 -2.20
C ASN J 37 -27.87 17.50 -1.55
N SER J 38 -28.81 17.87 -0.72
CA SER J 38 -28.75 19.09 -0.01
C SER J 38 -27.56 19.15 0.93
N PHE J 39 -27.26 18.04 1.58
CA PHE J 39 -26.13 17.93 2.45
C PHE J 39 -24.80 18.09 1.74
N ILE J 40 -24.60 17.45 0.61
CA ILE J 40 -23.39 17.64 -0.18
C ILE J 40 -23.23 19.09 -0.67
N ASN J 41 -24.33 19.77 -1.04
CA ASN J 41 -24.25 21.20 -1.41
C ASN J 41 -23.79 22.06 -0.29
N ASP J 42 -24.30 21.84 0.89
CA ASP J 42 -23.91 22.64 2.02
C ASP J 42 -22.47 22.50 2.40
N ILE J 43 -21.96 21.28 2.33
CA ILE J 43 -20.57 21.02 2.64
C ILE J 43 -19.69 21.69 1.62
N PHE J 44 -20.08 21.63 0.36
CA PHE J 44 -19.29 22.24 -0.68
C PHE J 44 -19.19 23.72 -0.49
N GLU J 45 -20.29 24.35 -0.14
CA GLU J 45 -20.30 25.76 0.12
C GLU J 45 -19.46 26.11 1.32
N LYS J 46 -19.55 25.34 2.37
CA LYS J 46 -18.74 25.64 3.51
C LYS J 46 -17.27 25.50 3.19
N LEU J 47 -16.93 24.51 2.41
CA LEU J 47 -15.52 24.27 2.10
C LEU J 47 -14.96 25.27 1.11
N ALA J 48 -15.76 25.57 0.09
CA ALA J 48 -15.37 26.57 -0.89
C ALA J 48 -15.28 27.97 -0.26
N GLN J 49 -16.26 28.35 0.53
CA GLN J 49 -16.27 29.67 1.14
C GLN J 49 -15.07 29.83 2.06
N GLU J 50 -14.68 28.78 2.77
CA GLU J 50 -13.56 28.87 3.71
C GLU J 50 -12.27 28.83 2.88
N SER J 51 -12.24 28.00 1.85
CA SER J 51 -11.08 27.93 0.97
C SER J 51 -10.77 29.27 0.37
N SER J 52 -11.81 29.97 -0.02
CA SER J 52 -11.69 31.31 -0.58
C SER J 52 -11.15 32.30 0.43
N LYS J 53 -11.74 32.40 1.61
CA LYS J 53 -11.17 33.25 2.68
C LYS J 53 -9.66 33.06 2.78
N LEU J 54 -9.20 31.83 2.59
CA LEU J 54 -7.79 31.46 2.72
C LEU J 54 -6.95 31.70 1.48
N ALA J 55 -7.58 31.66 0.31
CA ALA J 55 -6.90 32.04 -0.91
C ALA J 55 -6.65 33.54 -0.92
N ARG J 56 -7.69 34.29 -0.56
CA ARG J 56 -7.77 35.71 -0.85
C ARG J 56 -6.77 36.51 -0.04
N TYR J 57 -6.46 36.10 1.19
CA TYR J 57 -5.49 36.82 2.03
C TYR J 57 -4.04 36.53 1.59
N ASN J 58 -3.80 35.36 1.01
CA ASN J 58 -2.44 34.89 0.74
C ASN J 58 -2.02 35.60 -0.50
N LYS J 59 -0.85 36.17 -0.37
CA LYS J 59 -0.41 37.34 -1.12
C LYS J 59 0.61 36.89 -2.16
N LYS J 60 0.97 35.59 -2.11
CA LYS J 60 2.21 35.00 -2.64
C LYS J 60 2.04 34.32 -3.98
N PRO J 61 3.11 34.26 -4.77
CA PRO J 61 2.91 33.71 -6.08
C PRO J 61 2.72 32.20 -6.07
N THR J 62 2.03 31.75 -7.11
CA THR J 62 1.63 30.38 -7.30
C THR J 62 1.85 30.04 -8.75
N ILE J 63 2.53 28.94 -8.98
CA ILE J 63 2.70 28.41 -10.29
C ILE J 63 1.61 27.39 -10.45
N THR J 64 0.66 27.68 -11.32
CA THR J 64 -0.32 26.68 -11.73
C THR J 64 0.06 26.21 -13.13
N SER J 65 -0.70 25.30 -13.72
CA SER J 65 -0.42 24.88 -15.11
C SER J 65 -0.70 25.98 -16.14
N ARG J 66 -1.52 26.96 -15.82
CA ARG J 66 -1.64 28.14 -16.69
C ARG J 66 -0.28 28.85 -16.92
N GLU J 67 0.51 28.99 -15.88
CA GLU J 67 1.84 29.61 -15.98
C GLU J 67 2.88 28.73 -16.72
N ILE J 68 2.84 27.42 -16.50
CA ILE J 68 3.73 26.47 -17.20
C ILE J 68 3.41 26.48 -18.70
N GLN J 69 2.14 26.47 -19.05
CA GLN J 69 1.78 26.50 -20.48
C GLN J 69 2.26 27.76 -21.19
N THR J 70 1.90 28.91 -20.64
CA THR J 70 2.43 30.19 -21.14
C THR J 70 3.97 30.22 -21.21
N ALA J 71 4.65 29.55 -20.29
CA ALA J 71 6.11 29.41 -20.30
C ALA J 71 6.60 28.61 -21.48
N VAL J 72 5.90 27.52 -21.77
CA VAL J 72 6.22 26.68 -22.91
C VAL J 72 6.03 27.45 -24.19
N ARG J 73 4.96 28.22 -24.26
CA ARG J 73 4.76 29.09 -25.41
C ARG J 73 5.89 30.08 -25.57
N LEU J 74 6.27 30.73 -24.47
CA LEU J 74 7.30 31.78 -24.49
C LEU J 74 8.73 31.28 -24.71
N VAL J 75 9.00 30.01 -24.39
CA VAL J 75 10.36 29.45 -24.43
C VAL J 75 10.55 28.44 -25.55
N LEU J 76 9.62 27.52 -25.73
CA LEU J 76 9.73 26.55 -26.83
C LEU J 76 9.32 27.22 -28.17
N PRO J 77 10.15 27.09 -29.23
CA PRO J 77 9.78 27.80 -30.47
C PRO J 77 8.90 26.97 -31.44
N GLY J 78 7.94 27.65 -32.06
CA GLY J 78 7.13 27.04 -33.09
C GLY J 78 6.31 25.80 -32.86
N GLU J 79 6.71 24.80 -33.64
CA GLU J 79 6.12 23.49 -33.64
C GLU J 79 6.28 22.87 -32.28
N LEU J 80 7.45 23.05 -31.67
CA LEU J 80 7.67 22.53 -30.35
C LEU J 80 6.68 23.13 -29.37
N ALA J 81 6.42 24.42 -29.45
CA ALA J 81 5.44 24.97 -28.56
C ALA J 81 4.04 24.42 -28.79
N LYS J 82 3.61 24.33 -30.03
CA LYS J 82 2.25 23.84 -30.26
C LYS J 82 2.04 22.42 -29.79
N HIS J 83 3.01 21.58 -30.08
CA HIS J 83 3.08 20.17 -29.72
C HIS J 83 3.34 19.89 -28.25
N ALA J 84 4.15 20.74 -27.60
CA ALA J 84 4.44 20.57 -26.16
C ALA J 84 3.23 20.97 -25.33
N VAL J 85 2.61 22.09 -25.70
CA VAL J 85 1.28 22.50 -25.17
C VAL J 85 0.19 21.46 -25.40
N SER J 86 0.35 20.57 -26.37
CA SER J 86 -0.53 19.41 -26.51
C SER J 86 -0.21 18.31 -25.48
N GLU J 87 1.02 17.78 -25.46
CA GLU J 87 1.36 16.66 -24.52
C GLU J 87 1.06 16.94 -23.03
N GLY J 88 1.10 18.23 -22.67
CA GLY J 88 0.88 18.69 -21.31
C GLY J 88 -0.58 19.02 -21.00
N THR J 89 -1.32 19.52 -21.99
CA THR J 89 -2.77 19.64 -21.87
C THR J 89 -3.38 18.24 -21.86
N LYS J 90 -2.83 17.36 -22.68
CA LYS J 90 -3.20 15.94 -22.62
C LYS J 90 -2.92 15.31 -21.26
N ALA J 91 -1.87 15.72 -20.56
CA ALA J 91 -1.51 15.08 -19.29
C ALA J 91 -2.29 15.60 -18.06
N VAL J 92 -2.83 16.81 -18.15
CA VAL J 92 -3.46 17.49 -17.02
C VAL J 92 -5.00 17.35 -17.03
N THR J 93 -5.61 17.47 -18.20
CA THR J 93 -6.88 16.81 -18.47
C THR J 93 -6.40 15.42 -18.68
N LYS J 94 -7.03 14.41 -18.12
CA LYS J 94 -6.69 13.05 -18.55
C LYS J 94 -7.41 12.66 -19.91
N PHE J 95 -7.17 13.45 -20.97
CA PHE J 95 -7.79 13.26 -22.31
C PHE J 95 -7.09 12.21 -23.16
N THR J 96 -7.81 11.71 -24.16
CA THR J 96 -7.34 10.62 -25.05
C THR J 96 -8.16 10.53 -26.34
N THR K 10 -12.31 -6.69 -21.54
CA THR K 10 -11.59 -7.75 -22.18
C THR K 10 -11.36 -8.82 -21.14
N TYR K 11 -10.87 -9.95 -21.61
CA TYR K 11 -10.27 -10.95 -20.74
C TYR K 11 -9.01 -11.27 -21.50
N LYS K 12 -8.64 -10.36 -22.41
CA LYS K 12 -7.61 -10.65 -23.41
C LYS K 12 -6.26 -10.83 -22.75
N ILE K 13 -5.82 -9.78 -22.07
CA ILE K 13 -4.55 -9.85 -21.30
C ILE K 13 -4.36 -11.16 -20.46
N TYR K 14 -5.46 -11.71 -19.92
CA TYR K 14 -5.40 -12.92 -19.07
C TYR K 14 -5.44 -14.19 -19.86
N ILE K 15 -6.12 -14.15 -21.00
CA ILE K 15 -6.07 -15.26 -21.97
C ILE K 15 -4.61 -15.34 -22.47
N PHE K 16 -4.05 -14.20 -22.90
CA PHE K 16 -2.60 -14.04 -23.21
C PHE K 16 -1.76 -14.89 -22.23
N LYS K 17 -1.95 -14.67 -20.92
CA LYS K 17 -1.24 -15.36 -19.83
C LYS K 17 -1.51 -16.86 -19.65
N VAL K 18 -2.75 -17.29 -19.91
CA VAL K 18 -3.13 -18.72 -19.76
C VAL K 18 -2.50 -19.51 -20.91
N LEU K 19 -2.31 -18.82 -22.03
CA LEU K 19 -1.61 -19.39 -23.17
C LEU K 19 -0.19 -19.79 -22.77
N LYS K 20 0.52 -18.87 -22.11
CA LYS K 20 1.93 -19.06 -21.73
C LYS K 20 2.16 -20.19 -20.72
N GLN K 21 1.13 -20.57 -19.97
CA GLN K 21 1.22 -21.67 -19.02
C GLN K 21 1.01 -23.08 -19.64
N VAL K 22 0.58 -23.15 -20.91
CA VAL K 22 0.57 -24.43 -21.71
C VAL K 22 1.36 -24.37 -23.04
N HIS K 23 1.48 -23.18 -23.62
CA HIS K 23 2.25 -22.93 -24.86
C HIS K 23 2.92 -21.51 -24.84
N PRO K 24 4.14 -21.40 -24.24
CA PRO K 24 4.86 -20.09 -24.23
C PRO K 24 5.45 -19.73 -25.60
N ASP K 25 5.96 -20.75 -26.28
CA ASP K 25 6.38 -20.73 -27.69
C ASP K 25 5.35 -20.13 -28.67
N ILE K 26 4.07 -20.34 -28.40
CA ILE K 26 2.97 -19.91 -29.26
C ILE K 26 2.51 -18.45 -28.97
N GLY K 27 2.12 -17.73 -30.03
CA GLY K 27 1.41 -16.44 -29.93
C GLY K 27 -0.03 -16.58 -30.44
N ILE K 28 -0.72 -15.47 -30.70
CA ILE K 28 -2.13 -15.57 -31.08
C ILE K 28 -2.60 -14.38 -31.89
N SER K 29 -3.43 -14.63 -32.90
CA SER K 29 -3.74 -13.62 -33.94
C SER K 29 -4.75 -12.57 -33.50
N SER K 30 -4.63 -11.37 -34.07
CA SER K 30 -5.47 -10.22 -33.74
C SER K 30 -6.95 -10.61 -33.56
N LYS K 31 -7.43 -11.56 -34.37
CA LYS K 31 -8.83 -12.03 -34.36
C LYS K 31 -9.11 -13.31 -33.53
N ALA K 32 -8.16 -14.25 -33.47
CA ALA K 32 -8.26 -15.44 -32.60
C ALA K 32 -8.45 -15.10 -31.12
N MET K 33 -7.92 -13.94 -30.73
CA MET K 33 -8.09 -13.39 -29.40
C MET K 33 -9.54 -12.94 -29.19
N GLY K 34 -10.01 -12.02 -30.03
CA GLY K 34 -11.43 -11.62 -30.03
C GLY K 34 -12.45 -12.78 -30.02
N ILE K 35 -12.05 -13.95 -30.51
CA ILE K 35 -12.84 -15.21 -30.44
C ILE K 35 -12.76 -15.88 -29.07
N MET K 36 -11.54 -15.97 -28.55
CA MET K 36 -11.34 -16.38 -27.14
C MET K 36 -12.12 -15.45 -26.16
N ASN K 37 -12.00 -14.14 -26.34
CA ASN K 37 -12.79 -13.14 -25.59
C ASN K 37 -14.30 -13.44 -25.61
N SER K 38 -14.83 -13.73 -26.80
CA SER K 38 -16.26 -13.98 -27.04
C SER K 38 -16.77 -15.20 -26.31
N PHE K 39 -15.98 -16.27 -26.35
CA PHE K 39 -16.26 -17.48 -25.58
C PHE K 39 -16.40 -17.21 -24.10
N ILE K 40 -15.42 -16.51 -23.54
CA ILE K 40 -15.45 -16.18 -22.12
C ILE K 40 -16.72 -15.41 -21.77
N ASN K 41 -17.04 -14.36 -22.52
CA ASN K 41 -18.26 -13.59 -22.24
C ASN K 41 -19.47 -14.49 -22.26
N ASP K 42 -19.48 -15.40 -23.22
CA ASP K 42 -20.63 -16.21 -23.46
C ASP K 42 -20.88 -17.08 -22.26
N ILE K 43 -19.85 -17.77 -21.81
CA ILE K 43 -20.05 -18.72 -20.69
C ILE K 43 -20.29 -17.96 -19.39
N PHE K 44 -19.76 -16.75 -19.29
CA PHE K 44 -19.96 -15.92 -18.12
C PHE K 44 -21.41 -15.63 -18.00
N GLU K 45 -21.93 -15.05 -19.08
CA GLU K 45 -23.33 -14.68 -19.22
C GLU K 45 -24.26 -15.93 -19.04
N LYS K 46 -23.78 -17.12 -19.39
CA LYS K 46 -24.60 -18.32 -19.19
C LYS K 46 -24.63 -18.78 -17.77
N LEU K 47 -23.46 -18.87 -17.18
CA LEU K 47 -23.35 -19.26 -15.79
C LEU K 47 -24.07 -18.23 -14.89
N ALA K 48 -23.80 -16.95 -15.12
CA ALA K 48 -24.47 -15.83 -14.41
C ALA K 48 -25.99 -15.92 -14.44
N GLN K 49 -26.56 -16.05 -15.62
CA GLN K 49 -28.02 -16.16 -15.76
C GLN K 49 -28.52 -17.45 -15.12
N GLU K 50 -27.77 -18.54 -15.21
CA GLU K 50 -28.17 -19.76 -14.52
C GLU K 50 -28.12 -19.54 -13.00
N SER K 51 -26.97 -19.06 -12.53
CA SER K 51 -26.81 -18.62 -11.12
C SER K 51 -27.96 -17.75 -10.64
N SER K 52 -28.38 -16.77 -11.44
CA SER K 52 -29.50 -15.92 -11.08
C SER K 52 -30.83 -16.68 -10.89
N LYS K 53 -31.19 -17.56 -11.83
CA LYS K 53 -32.43 -18.38 -11.68
C LYS K 53 -32.37 -19.14 -10.37
N LEU K 54 -31.26 -19.87 -10.16
CA LEU K 54 -31.07 -20.69 -8.96
C LEU K 54 -31.21 -19.86 -7.68
N ALA K 55 -30.47 -18.76 -7.61
CA ALA K 55 -30.53 -17.78 -6.53
C ALA K 55 -31.95 -17.29 -6.27
N ARG K 56 -32.71 -16.95 -7.29
CA ARG K 56 -34.07 -16.49 -7.08
C ARG K 56 -34.95 -17.54 -6.50
N TYR K 57 -34.66 -18.76 -6.88
CA TYR K 57 -35.38 -19.92 -6.43
C TYR K 57 -35.19 -20.29 -4.98
N ASN K 58 -33.98 -20.13 -4.48
CA ASN K 58 -33.63 -20.55 -3.14
C ASN K 58 -34.32 -19.95 -1.96
N LYS K 59 -34.50 -18.65 -1.91
CA LYS K 59 -35.29 -18.06 -0.84
C LYS K 59 -34.93 -18.40 0.61
N LYS K 60 -33.67 -18.51 0.94
CA LYS K 60 -33.32 -18.75 2.33
C LYS K 60 -32.39 -17.66 2.74
N PRO K 61 -32.37 -17.36 4.03
CA PRO K 61 -31.54 -16.27 4.51
C PRO K 61 -30.08 -16.58 4.43
N THR K 62 -29.34 -15.62 3.92
CA THR K 62 -27.91 -15.70 3.78
C THR K 62 -27.17 -14.63 4.60
N ILE K 63 -26.11 -15.03 5.27
CA ILE K 63 -25.21 -14.11 5.88
C ILE K 63 -24.06 -13.98 4.91
N THR K 64 -23.82 -12.76 4.45
CA THR K 64 -22.57 -12.41 3.74
C THR K 64 -21.82 -11.40 4.59
N SER K 65 -20.70 -10.92 4.07
CA SER K 65 -19.90 -9.92 4.76
C SER K 65 -20.51 -8.54 4.81
N ARG K 66 -21.52 -8.26 4.00
CA ARG K 66 -22.34 -7.04 4.25
C ARG K 66 -23.05 -7.05 5.60
N GLU K 67 -23.57 -8.20 5.98
CA GLU K 67 -24.27 -8.34 7.23
C GLU K 67 -23.24 -8.28 8.40
N ILE K 68 -22.11 -8.94 8.23
CA ILE K 68 -21.06 -8.87 9.23
C ILE K 68 -20.63 -7.43 9.43
N GLN K 69 -20.41 -6.70 8.36
CA GLN K 69 -19.99 -5.30 8.44
C GLN K 69 -21.01 -4.39 9.06
N THR K 70 -22.29 -4.72 8.93
CA THR K 70 -23.34 -3.87 9.48
C THR K 70 -23.43 -4.14 10.97
N ALA K 71 -23.41 -5.42 11.31
CA ALA K 71 -23.32 -5.87 12.71
C ALA K 71 -22.18 -5.18 13.45
N VAL K 72 -21.02 -5.18 12.81
CA VAL K 72 -19.82 -4.59 13.35
C VAL K 72 -20.02 -3.12 13.64
N ARG K 73 -20.56 -2.34 12.71
CA ARG K 73 -20.71 -0.89 12.95
C ARG K 73 -21.75 -0.63 14.03
N LEU K 74 -22.78 -1.47 14.08
CA LEU K 74 -23.87 -1.28 15.03
C LEU K 74 -23.47 -1.61 16.50
N VAL K 75 -22.64 -2.63 16.67
CA VAL K 75 -22.27 -3.12 17.98
C VAL K 75 -20.97 -2.50 18.47
N LEU K 76 -19.97 -2.45 17.60
CA LEU K 76 -18.70 -1.82 17.98
C LEU K 76 -18.81 -0.29 18.04
N PRO K 77 -18.14 0.29 19.04
CA PRO K 77 -18.15 1.72 19.27
C PRO K 77 -17.10 2.46 18.47
N GLY K 78 -17.43 3.70 18.16
CA GLY K 78 -16.52 4.68 17.61
C GLY K 78 -15.51 4.25 16.57
N GLU K 79 -14.26 4.52 16.90
CA GLU K 79 -13.20 4.34 15.95
C GLU K 79 -12.81 2.86 15.95
N LEU K 80 -13.08 2.20 17.08
CA LEU K 80 -12.83 0.78 17.19
C LEU K 80 -13.60 0.07 16.08
N ALA K 81 -14.84 0.50 15.85
CA ALA K 81 -15.66 -0.05 14.79
C ALA K 81 -15.02 0.14 13.43
N LYS K 82 -14.51 1.33 13.16
CA LYS K 82 -13.87 1.62 11.87
C LYS K 82 -12.61 0.82 11.70
N HIS K 83 -11.82 0.70 12.73
CA HIS K 83 -10.60 -0.12 12.61
C HIS K 83 -10.91 -1.57 12.25
N ALA K 84 -11.99 -2.11 12.82
CA ALA K 84 -12.36 -3.53 12.65
C ALA K 84 -12.95 -3.80 11.26
N VAL K 85 -13.77 -2.88 10.77
CA VAL K 85 -14.28 -2.90 9.40
C VAL K 85 -13.13 -2.84 8.40
N SER K 86 -12.13 -2.02 8.72
CA SER K 86 -10.93 -2.00 7.93
C SER K 86 -10.30 -3.43 7.91
N GLU K 87 -10.00 -4.02 9.06
CA GLU K 87 -9.28 -5.29 9.07
C GLU K 87 -10.11 -6.39 8.38
N GLY K 88 -11.43 -6.31 8.54
CA GLY K 88 -12.38 -7.24 7.91
C GLY K 88 -12.38 -7.14 6.41
N THR K 89 -12.41 -5.92 5.92
CA THR K 89 -12.36 -5.63 4.52
C THR K 89 -11.01 -6.03 3.89
N LYS K 90 -9.90 -5.87 4.58
CA LYS K 90 -8.62 -6.30 3.97
C LYS K 90 -8.57 -7.82 3.89
N ALA K 91 -8.96 -8.51 4.95
CA ALA K 91 -8.95 -9.99 4.97
C ALA K 91 -9.78 -10.63 3.86
N VAL K 92 -10.94 -10.06 3.58
CA VAL K 92 -11.74 -10.55 2.46
C VAL K 92 -11.07 -10.24 1.12
N THR K 93 -10.34 -9.13 1.02
CA THR K 93 -9.71 -8.71 -0.22
C THR K 93 -8.51 -9.59 -0.58
N LYS K 94 -7.71 -9.95 0.42
CA LYS K 94 -6.65 -10.96 0.27
C LYS K 94 -7.23 -12.27 -0.27
N PHE K 95 -8.24 -12.76 0.45
CA PHE K 95 -8.95 -14.00 0.12
C PHE K 95 -9.43 -14.02 -1.31
N THR K 96 -10.23 -13.03 -1.71
CA THR K 96 -10.67 -12.88 -3.10
C THR K 96 -9.48 -12.70 -4.04
N SER K 97 -8.60 -11.73 -3.81
CA SER K 97 -7.54 -11.43 -4.80
C SER K 97 -6.23 -12.27 -4.65
N SER K 98 -6.34 -13.52 -4.23
CA SER K 98 -5.17 -14.34 -3.87
C SER K 98 -4.35 -14.79 -5.10
N GLU L 9 -14.42 -25.38 19.84
CA GLU L 9 -14.45 -25.22 21.34
C GLU L 9 -13.76 -23.92 21.88
N THR L 10 -12.43 -23.90 22.00
CA THR L 10 -11.74 -22.71 22.52
C THR L 10 -10.90 -21.97 21.47
N TYR L 11 -10.92 -20.64 21.56
CA TYR L 11 -10.00 -19.80 20.78
C TYR L 11 -8.58 -19.70 21.35
N LYS L 12 -8.33 -20.31 22.50
CA LYS L 12 -7.06 -20.15 23.26
C LYS L 12 -5.76 -20.24 22.48
N ILE L 13 -5.62 -21.25 21.63
CA ILE L 13 -4.34 -21.44 20.95
C ILE L 13 -4.08 -20.26 20.01
N TYR L 14 -5.14 -19.71 19.43
CA TYR L 14 -5.04 -18.58 18.47
C TYR L 14 -4.76 -17.26 19.16
N ILE L 15 -5.48 -17.06 20.27
CA ILE L 15 -5.23 -15.94 21.18
C ILE L 15 -3.79 -15.91 21.60
N PHE L 16 -3.28 -17.10 21.95
CA PHE L 16 -1.89 -17.23 22.32
C PHE L 16 -0.98 -16.85 21.16
N LYS L 17 -1.32 -17.29 19.94
CA LYS L 17 -0.46 -17.04 18.78
C LYS L 17 -0.39 -15.56 18.51
N VAL L 18 -1.55 -14.89 18.56
CA VAL L 18 -1.64 -13.43 18.45
C VAL L 18 -0.78 -12.81 19.55
N LEU L 19 -1.00 -13.20 20.81
CA LEU L 19 -0.15 -12.73 21.90
C LEU L 19 1.36 -12.77 21.57
N LYS L 20 1.89 -13.89 21.11
CA LYS L 20 3.34 -13.97 20.80
C LYS L 20 3.80 -13.04 19.68
N GLN L 21 2.87 -12.66 18.80
CA GLN L 21 3.15 -11.63 17.79
C GLN L 21 3.29 -10.26 18.37
N VAL L 22 2.40 -9.83 19.27
CA VAL L 22 2.46 -8.44 19.74
C VAL L 22 3.42 -8.23 20.91
N HIS L 23 3.54 -9.22 21.79
CA HIS L 23 4.38 -9.19 22.99
C HIS L 23 5.07 -10.54 23.14
N PRO L 24 6.10 -10.77 22.33
CA PRO L 24 6.72 -12.08 22.32
C PRO L 24 7.34 -12.47 23.65
N ASP L 25 7.77 -11.49 24.43
CA ASP L 25 8.39 -11.77 25.70
C ASP L 25 7.46 -11.68 26.90
N ILE L 26 6.17 -11.91 26.70
CA ILE L 26 5.21 -11.84 27.81
C ILE L 26 4.21 -12.98 27.74
N GLY L 27 4.00 -13.63 28.87
CA GLY L 27 3.14 -14.79 29.01
C GLY L 27 1.76 -14.39 29.45
N ILE L 28 0.94 -15.37 29.82
CA ILE L 28 -0.45 -15.10 30.23
C ILE L 28 -0.94 -16.23 31.13
N SER L 29 -1.63 -15.89 32.21
CA SER L 29 -2.08 -16.87 33.20
C SER L 29 -3.35 -17.58 32.72
N SER L 30 -3.72 -18.64 33.42
CA SER L 30 -4.93 -19.39 33.08
C SER L 30 -6.18 -18.54 33.17
N LYS L 31 -6.38 -17.89 34.30
CA LYS L 31 -7.57 -17.11 34.47
C LYS L 31 -7.55 -16.01 33.42
N ALA L 32 -6.36 -15.51 33.08
CA ALA L 32 -6.25 -14.45 32.08
C ALA L 32 -6.62 -14.95 30.68
N MET L 33 -6.13 -16.14 30.32
CA MET L 33 -6.48 -16.73 29.04
C MET L 33 -7.96 -17.13 29.00
N GLY L 34 -8.52 -17.45 30.13
CA GLY L 34 -9.94 -17.77 30.16
C GLY L 34 -10.82 -16.57 29.97
N ILE L 35 -10.28 -15.39 30.30
CA ILE L 35 -11.04 -14.13 30.16
C ILE L 35 -10.98 -13.74 28.71
N MET L 36 -9.80 -13.87 28.11
CA MET L 36 -9.66 -13.65 26.73
C MET L 36 -10.60 -14.53 25.93
N ASN L 37 -10.76 -15.78 26.34
CA ASN L 37 -11.51 -16.73 25.53
C ASN L 37 -13.00 -16.48 25.60
N SER L 38 -13.51 -16.11 26.76
CA SER L 38 -14.89 -15.67 26.88
C SER L 38 -15.20 -14.42 26.11
N PHE L 39 -14.22 -13.53 26.09
CA PHE L 39 -14.39 -12.24 25.51
C PHE L 39 -14.62 -12.42 24.00
N ILE L 40 -13.80 -13.25 23.37
CA ILE L 40 -13.98 -13.57 21.97
C ILE L 40 -15.25 -14.37 21.77
N ASN L 41 -15.53 -15.29 22.66
CA ASN L 41 -16.84 -15.95 22.59
C ASN L 41 -18.00 -14.98 22.58
N ASP L 42 -17.98 -14.04 23.52
CA ASP L 42 -19.09 -13.17 23.71
C ASP L 42 -19.24 -12.23 22.52
N ILE L 43 -18.13 -11.88 21.85
CA ILE L 43 -18.20 -10.98 20.67
C ILE L 43 -18.70 -11.78 19.49
N PHE L 44 -18.24 -13.02 19.36
CA PHE L 44 -18.73 -13.89 18.33
C PHE L 44 -20.26 -14.02 18.40
N GLU L 45 -20.80 -14.28 19.60
CA GLU L 45 -22.26 -14.36 19.75
C GLU L 45 -22.95 -13.04 19.41
N LYS L 46 -22.45 -11.92 19.93
CA LYS L 46 -23.08 -10.67 19.63
C LYS L 46 -23.13 -10.42 18.08
N LEU L 47 -22.02 -10.63 17.39
CA LEU L 47 -21.96 -10.31 15.98
C LEU L 47 -22.79 -11.25 15.14
N ALA L 48 -22.72 -12.54 15.50
CA ALA L 48 -23.55 -13.55 14.86
C ALA L 48 -25.05 -13.27 15.08
N GLN L 49 -25.50 -13.18 16.33
CA GLN L 49 -26.91 -12.90 16.63
C GLN L 49 -27.35 -11.73 15.78
N GLU L 50 -26.61 -10.65 15.73
CA GLU L 50 -27.01 -9.48 14.94
C GLU L 50 -27.04 -9.70 13.43
N SER L 51 -26.06 -10.41 12.93
CA SER L 51 -25.98 -10.70 11.52
C SER L 51 -27.13 -11.52 11.06
N SER L 52 -27.52 -12.50 11.84
CA SER L 52 -28.65 -13.31 11.47
C SER L 52 -29.93 -12.51 11.48
N LYS L 53 -30.06 -11.57 12.38
CA LYS L 53 -31.21 -10.70 12.37
C LYS L 53 -31.23 -9.95 11.06
N LEU L 54 -30.09 -9.44 10.58
CA LEU L 54 -30.00 -8.80 9.27
C LEU L 54 -30.26 -9.69 8.05
N ALA L 55 -29.76 -10.91 8.07
CA ALA L 55 -29.97 -11.93 7.06
C ALA L 55 -31.44 -12.29 6.97
N ARG L 56 -32.05 -12.51 8.12
CA ARG L 56 -33.40 -13.03 8.23
C ARG L 56 -34.40 -12.13 7.58
N TYR L 57 -34.31 -10.84 7.80
CA TYR L 57 -35.25 -9.95 7.21
C TYR L 57 -35.09 -9.78 5.72
N ASN L 58 -33.88 -9.92 5.22
CA ASN L 58 -33.62 -9.62 3.84
C ASN L 58 -34.07 -10.70 2.93
N LYS L 59 -34.83 -10.26 1.96
CA LYS L 59 -35.71 -11.10 1.15
C LYS L 59 -35.11 -11.36 -0.22
N LYS L 60 -34.09 -10.57 -0.55
CA LYS L 60 -33.46 -10.57 -1.85
C LYS L 60 -32.55 -11.76 -2.12
N PRO L 61 -32.51 -12.22 -3.36
CA PRO L 61 -31.69 -13.31 -3.79
C PRO L 61 -30.21 -13.01 -3.65
N THR L 62 -29.45 -14.07 -3.33
CA THR L 62 -28.03 -13.97 -3.14
C THR L 62 -27.38 -15.05 -3.96
N ILE L 63 -26.33 -14.70 -4.68
CA ILE L 63 -25.63 -15.67 -5.45
C ILE L 63 -24.42 -15.96 -4.66
N THR L 64 -24.26 -17.21 -4.25
CA THR L 64 -23.08 -17.64 -3.52
C THR L 64 -22.43 -18.74 -4.34
N SER L 65 -21.20 -19.16 -3.99
CA SER L 65 -20.48 -20.22 -4.74
C SER L 65 -21.25 -21.53 -4.88
N ARG L 66 -22.19 -21.80 -3.98
CA ARG L 66 -23.15 -22.91 -4.19
C ARG L 66 -24.03 -22.77 -5.45
N GLU L 67 -24.61 -21.58 -5.67
CA GLU L 67 -25.42 -21.31 -6.88
C GLU L 67 -24.61 -21.35 -8.20
N ILE L 68 -23.38 -20.84 -8.15
CA ILE L 68 -22.44 -20.95 -9.24
C ILE L 68 -22.07 -22.41 -9.52
N GLN L 69 -21.84 -23.21 -8.50
CA GLN L 69 -21.41 -24.58 -8.74
C GLN L 69 -22.53 -25.39 -9.40
N THR L 70 -23.71 -25.36 -8.78
CA THR L 70 -24.91 -25.97 -9.36
C THR L 70 -25.10 -25.52 -10.82
N ALA L 71 -24.81 -24.24 -11.10
CA ALA L 71 -24.83 -23.71 -12.46
C ALA L 71 -23.84 -24.41 -13.36
N VAL L 72 -22.58 -24.51 -12.92
CA VAL L 72 -21.54 -25.17 -13.72
C VAL L 72 -21.91 -26.63 -13.99
N ARG L 73 -22.50 -27.28 -13.02
CA ARG L 73 -23.04 -28.60 -13.25
C ARG L 73 -24.09 -28.59 -14.35
N LEU L 74 -25.06 -27.70 -14.26
CA LEU L 74 -26.21 -27.63 -15.20
C LEU L 74 -25.89 -27.17 -16.65
N VAL L 75 -24.74 -26.56 -16.86
CA VAL L 75 -24.40 -25.89 -18.11
C VAL L 75 -23.13 -26.42 -18.75
N LEU L 76 -22.13 -26.78 -17.96
CA LEU L 76 -20.98 -27.53 -18.51
C LEU L 76 -21.32 -29.03 -18.60
N PRO L 77 -21.03 -29.67 -19.75
CA PRO L 77 -21.45 -31.07 -19.88
C PRO L 77 -20.34 -32.07 -19.49
N GLY L 78 -20.70 -33.09 -18.72
CA GLY L 78 -19.82 -34.24 -18.43
C GLY L 78 -18.45 -33.95 -17.83
N GLU L 79 -17.38 -34.35 -18.56
CA GLU L 79 -15.96 -34.12 -18.17
C GLU L 79 -15.67 -32.66 -17.87
N LEU L 80 -16.32 -31.76 -18.60
CA LEU L 80 -16.13 -30.31 -18.40
C LEU L 80 -16.66 -29.81 -17.03
N ALA L 81 -17.82 -30.29 -16.59
CA ALA L 81 -18.36 -29.92 -15.27
C ALA L 81 -17.56 -30.51 -14.09
N LYS L 82 -17.28 -31.82 -14.14
CA LYS L 82 -16.39 -32.49 -13.17
C LYS L 82 -15.15 -31.63 -12.88
N HIS L 83 -14.37 -31.38 -13.93
CA HIS L 83 -13.10 -30.64 -13.84
C HIS L 83 -13.29 -29.17 -13.47
N ALA L 84 -14.34 -28.54 -14.00
CA ALA L 84 -14.64 -27.13 -13.68
C ALA L 84 -14.90 -27.00 -12.17
N VAL L 85 -15.79 -27.86 -11.67
CA VAL L 85 -16.12 -28.00 -10.25
C VAL L 85 -14.91 -28.32 -9.33
N SER L 86 -13.88 -29.00 -9.87
CA SER L 86 -12.60 -29.14 -9.14
C SER L 86 -11.89 -27.81 -9.09
N GLU L 87 -11.59 -27.20 -10.24
CA GLU L 87 -10.85 -25.93 -10.28
C GLU L 87 -11.42 -24.77 -9.44
N GLY L 88 -12.74 -24.75 -9.25
CA GLY L 88 -13.44 -23.74 -8.47
C GLY L 88 -13.52 -24.08 -6.99
N THR L 89 -13.82 -25.35 -6.67
CA THR L 89 -13.79 -25.85 -5.29
C THR L 89 -12.36 -25.70 -4.77
N LYS L 90 -11.35 -26.00 -5.58
CA LYS L 90 -9.94 -25.70 -5.23
C LYS L 90 -9.60 -24.21 -4.98
N ALA L 91 -10.15 -23.32 -5.81
CA ALA L 91 -9.84 -21.87 -5.72
C ALA L 91 -10.51 -21.14 -4.55
N VAL L 92 -11.70 -21.61 -4.17
CA VAL L 92 -12.51 -21.01 -3.11
C VAL L 92 -12.25 -21.68 -1.75
N THR L 93 -11.47 -22.77 -1.79
CA THR L 93 -10.92 -23.41 -0.62
C THR L 93 -9.59 -22.75 -0.22
N LYS L 94 -8.99 -21.90 -1.08
CA LYS L 94 -7.72 -21.17 -0.79
C LYS L 94 -7.58 -19.83 -1.58
N GLU M 66 -26.67 -29.26 -3.12
CA GLU M 66 -25.24 -29.57 -2.83
C GLU M 66 -24.64 -28.48 -1.96
N GLU M 67 -23.50 -28.83 -1.35
CA GLU M 67 -22.63 -27.91 -0.61
C GLU M 67 -21.39 -27.67 -1.49
N ASP M 68 -20.40 -26.96 -0.95
CA ASP M 68 -19.06 -26.93 -1.53
C ASP M 68 -18.20 -28.09 -1.01
N ALA M 69 -18.77 -29.30 -0.99
CA ALA M 69 -18.06 -30.49 -0.52
C ALA M 69 -16.70 -30.63 -1.25
N GLU M 70 -15.67 -31.04 -0.51
CA GLU M 70 -14.30 -31.16 -1.03
C GLU M 70 -13.99 -32.54 -1.62
N ASP M 71 -14.99 -33.44 -1.64
CA ASP M 71 -14.92 -34.68 -2.47
C ASP M 71 -14.98 -34.47 -4.02
N ASP M 72 -15.01 -33.19 -4.44
CA ASP M 72 -15.02 -32.79 -5.85
C ASP M 72 -13.66 -32.29 -6.42
N ASN M 73 -12.53 -32.68 -5.82
CA ASN M 73 -11.20 -32.28 -6.34
C ASN M 73 -10.61 -33.32 -7.28
N ASP M 74 -9.51 -32.96 -7.95
CA ASP M 74 -8.87 -33.85 -8.93
C ASP M 74 -7.40 -34.10 -8.63
N GLU M 75 -7.07 -35.37 -8.39
CA GLU M 75 -5.74 -35.76 -7.90
C GLU M 75 -4.63 -35.58 -8.93
N GLU N 66 -4.05 34.41 -19.32
CA GLU N 66 -3.52 33.03 -19.12
C GLU N 66 -4.63 32.01 -19.42
N GLU N 67 -4.41 31.19 -20.45
CA GLU N 67 -5.43 30.31 -21.02
C GLU N 67 -5.06 28.82 -20.79
N ASP N 68 -6.04 27.93 -20.57
CA ASP N 68 -5.83 26.44 -20.55
C ASP N 68 -6.96 25.63 -21.25
N ALA N 69 -7.35 26.09 -22.44
CA ALA N 69 -8.40 25.41 -23.24
C ALA N 69 -7.91 24.03 -23.71
N GLU N 70 -8.82 23.23 -24.27
CA GLU N 70 -8.51 21.88 -24.78
C GLU N 70 -8.50 21.75 -26.33
N ASP N 71 -9.00 22.79 -27.00
CA ASP N 71 -8.73 23.08 -28.44
C ASP N 71 -7.22 23.05 -28.84
N ASP N 72 -6.33 23.20 -27.86
CA ASP N 72 -4.87 23.05 -28.01
C ASP N 72 -4.34 21.59 -28.01
N ASN N 73 -5.24 20.61 -28.06
CA ASN N 73 -4.82 19.21 -28.12
C ASN N 73 -4.56 18.81 -29.59
N ASP N 74 -3.67 17.84 -29.81
CA ASP N 74 -3.29 17.39 -31.18
C ASP N 74 -3.60 15.94 -31.48
N GLU N 75 -4.66 15.73 -32.27
CA GLU N 75 -4.83 14.49 -33.02
C GLU N 75 -4.20 14.57 -34.43
N GLU N 76 -3.66 15.73 -34.82
CA GLU N 76 -2.91 15.88 -36.10
C GLU N 76 -1.58 15.10 -36.14
N VAL N 77 -1.00 14.97 -37.33
CA VAL N 77 0.20 14.11 -37.55
C VAL N 77 1.49 14.78 -36.99
N ASN N 78 2.44 13.97 -36.53
CA ASN N 78 3.70 14.47 -35.93
C ASN N 78 4.59 15.12 -37.02
N VAL N 79 5.01 16.37 -36.76
CA VAL N 79 5.73 17.19 -37.78
C VAL N 79 7.23 17.40 -37.46
N GLU N 80 7.98 17.72 -38.51
CA GLU N 80 9.41 18.05 -38.47
C GLU N 80 9.61 19.51 -38.91
N GLU O 66 31.09 -6.64 23.08
CA GLU O 66 30.38 -5.35 22.78
C GLU O 66 31.09 -4.50 21.70
N GLU O 67 30.33 -3.59 21.09
CA GLU O 67 30.86 -2.58 20.17
C GLU O 67 30.45 -2.85 18.75
N ASP O 68 29.50 -2.07 18.24
CA ASP O 68 29.10 -2.09 16.81
C ASP O 68 29.76 -0.92 16.05
N ALA O 69 31.07 -0.74 16.28
CA ALA O 69 31.83 0.38 15.70
C ALA O 69 31.84 0.32 14.17
N GLU O 70 31.95 1.48 13.54
CA GLU O 70 32.06 1.54 12.07
C GLU O 70 33.52 1.62 11.58
N ASP O 71 34.48 1.27 12.46
CA ASP O 71 35.90 0.98 12.07
C ASP O 71 35.98 -0.21 11.07
N ASP O 72 34.92 -1.02 11.03
CA ASP O 72 34.91 -2.38 10.46
C ASP O 72 34.31 -2.51 9.03
N ASN O 73 34.24 -1.41 8.26
CA ASN O 73 33.84 -1.48 6.83
C ASN O 73 35.09 -1.70 6.00
N ASP O 74 34.94 -2.38 4.88
CA ASP O 74 36.07 -2.62 3.98
C ASP O 74 35.69 -2.12 2.61
N GLU O 75 36.63 -1.40 1.98
CA GLU O 75 36.50 -1.08 0.56
C GLU O 75 37.66 -1.78 -0.17
N GLU O 76 37.34 -2.41 -1.32
CA GLU O 76 38.30 -3.13 -2.23
C GLU O 76 39.29 -4.14 -1.59
N VAL O 77 38.76 -5.13 -0.86
CA VAL O 77 39.61 -6.19 -0.30
C VAL O 77 39.05 -7.57 -0.72
N ASN O 78 39.94 -8.55 -0.86
CA ASN O 78 39.64 -9.97 -1.18
C ASN O 78 38.23 -10.25 -1.78
#